data_9K0C
#
_entry.id   9K0C
#
loop_
_entity.id
_entity.type
_entity.pdbx_description
1 polymer 'Fragment antigen binding heavy chain'
2 polymer 'Fragment antigen binding light chain'
3 polymer 'Sodium- and chloride-dependent taurine transporter'
4 non-polymer 'CHLORIDE ION'
#
loop_
_entity_poly.entity_id
_entity_poly.type
_entity_poly.pdbx_seq_one_letter_code
_entity_poly.pdbx_strand_id
1 'polypeptide(L)'
;EVQLVESGGGLVKPGGSLKLSCAASGFTFSSYAMSWVRQSPEKRLEWVAEISSGGRYIYYSDTVTGRFTISRDNARNILH
LEMSSLRSEDTAMYYCARGEVRQRGFDYWGQGTTLTVS
;
H
2 'polypeptide(L)'
;ENVLTQSPAIMSTSPGEKVTMTCRASSSVGSSYLHWYQQKSGASPKLWIYSTSNLASGVPARFSGSGSGTSYSLTISSVE
AEDAATYYCQQFSGYPLTFGSGTKLEMGSDEVDAGSHHHHHHHHHHGSVEDYKDDDDK
;
L
3 'polypeptide(L)'
;MATKEKLQCLKDFHKDILKPSPGKSPGTRPEDEAEGKPPQREKWSSKIDFVLSVAGGFVGLGNVWRFPYLCYKNGGGAFL
IPYFIFLFGSGLPVFFLEIIIGQYTSEGGITCWEKICPLFSGIGYASVVIVSLLNVYYIVILAWATYYLFQSFQKELPWA
HCNHSWNTPHCMEDTMRKNKSVWITISSTNFTSPVIEFWERNVLSLSPGIDHPGSLKWDLALCLLLVWLVCFFCIWKGVR
STGKVVYFTATFPFAMLLVLLVRGLTLPGAGAGIKFYLYPDITRLEDPQVWIDAGTQIFFSYAICLGAMTSLGSYNKYHN
NVYRDCMLLGCLNSGTSFVSGFAIFSILGFMAQEQGVDIADVAESGPGLAFIAYPKAVTMMPLPTFWSILFFIMLLLLGL
DSQFVEVEGQITSLVDLYPSFLRKGYRREIFIAFVCSISYLLGLTMVTEGGMYVFQLFDYYAASGVCLLWVAFFECFVIA
WIYGGNRFSEDIRDMIGFPPGPWMKYSWAVITPVLCVGCFIFSLVKYVPLTYNKTYVYPNWAIGLGWSLALSSMLCVPLV
IVIRLCQTEGPFLVRVKYLLTPREPNRWAVEREGATPYNSRTVMNGALVKPTHIIVETMMGSDEVDAGSHHHHHHHHHHG
SVEDYKDDDDK
;
A
#
# COMPACT_ATOMS: atom_id res chain seq x y z
N GLU A 1 4.82 -31.04 -7.11
CA GLU A 1 5.80 -31.97 -6.57
C GLU A 1 5.29 -33.41 -6.55
N VAL A 2 6.19 -34.35 -6.82
CA VAL A 2 5.83 -35.76 -6.78
C VAL A 2 6.80 -36.50 -5.86
N GLN A 3 8.09 -36.40 -6.16
CA GLN A 3 9.10 -37.25 -5.55
C GLN A 3 10.12 -36.44 -4.77
N LEU A 4 10.40 -36.88 -3.55
CA LEU A 4 11.54 -36.42 -2.77
C LEU A 4 12.22 -37.64 -2.18
N VAL A 5 13.50 -37.83 -2.50
CA VAL A 5 14.24 -39.02 -2.08
C VAL A 5 15.55 -38.58 -1.44
N GLU A 6 15.79 -39.03 -0.21
CA GLU A 6 17.07 -38.81 0.45
C GLU A 6 18.01 -39.98 0.20
N SER A 7 19.31 -39.70 0.32
CA SER A 7 20.34 -40.72 0.14
C SER A 7 21.59 -40.29 0.89
N GLY A 8 22.49 -41.24 1.08
CA GLY A 8 23.75 -40.99 1.74
C GLY A 8 23.82 -41.40 3.19
N GLY A 9 22.74 -41.93 3.76
CA GLY A 9 22.78 -42.37 5.14
C GLY A 9 23.67 -43.59 5.32
N GLY A 10 24.18 -43.75 6.53
CA GLY A 10 25.06 -44.87 6.82
C GLY A 10 25.51 -44.86 8.26
N LEU A 11 26.48 -45.71 8.55
CA LEU A 11 27.05 -45.85 9.88
C LEU A 11 28.35 -45.07 9.99
N VAL A 12 28.47 -44.27 11.04
CA VAL A 12 29.66 -43.48 11.31
C VAL A 12 30.04 -43.66 12.77
N LYS A 13 31.09 -42.95 13.18
CA LYS A 13 31.62 -42.99 14.54
C LYS A 13 31.50 -41.60 15.16
N PRO A 14 31.48 -41.51 16.50
CA PRO A 14 31.43 -40.19 17.13
C PRO A 14 32.60 -39.32 16.72
N GLY A 15 32.32 -38.04 16.47
CA GLY A 15 33.32 -37.13 15.97
C GLY A 15 33.57 -37.20 14.48
N GLY A 16 32.86 -38.06 13.76
CA GLY A 16 33.05 -38.22 12.33
C GLY A 16 32.27 -37.20 11.53
N SER A 17 32.32 -37.38 10.21
CA SER A 17 31.65 -36.50 9.26
C SER A 17 30.88 -37.32 8.24
N LEU A 18 29.77 -36.76 7.77
CA LEU A 18 28.94 -37.40 6.76
C LEU A 18 28.17 -36.33 6.01
N LYS A 19 27.86 -36.62 4.76
CA LYS A 19 27.12 -35.70 3.89
C LYS A 19 25.85 -36.40 3.41
N LEU A 20 24.69 -35.83 3.73
CA LEU A 20 23.41 -36.36 3.31
C LEU A 20 22.91 -35.62 2.08
N SER A 21 22.15 -36.32 1.24
CA SER A 21 21.66 -35.77 0.00
C SER A 21 20.16 -36.01 -0.12
N CYS A 22 19.48 -35.10 -0.82
CA CYS A 22 18.05 -35.21 -1.08
C CYS A 22 17.78 -34.76 -2.50
N ALA A 23 17.50 -35.71 -3.39
CA ALA A 23 17.15 -35.38 -4.76
C ALA A 23 15.67 -35.02 -4.87
N ALA A 24 15.37 -34.03 -5.70
CA ALA A 24 14.01 -33.55 -5.89
C ALA A 24 13.63 -33.64 -7.36
N SER A 25 12.34 -33.92 -7.60
CA SER A 25 11.83 -34.02 -8.96
C SER A 25 10.34 -33.72 -8.96
N GLY A 26 9.82 -33.43 -10.14
CA GLY A 26 8.40 -33.14 -10.31
C GLY A 26 7.99 -31.71 -10.04
N PHE A 27 8.93 -30.83 -9.71
CA PHE A 27 8.61 -29.43 -9.45
C PHE A 27 9.87 -28.60 -9.63
N THR A 28 9.68 -27.30 -9.73
CA THR A 28 10.80 -26.36 -9.84
C THR A 28 11.51 -26.28 -8.49
N PHE A 29 12.67 -26.93 -8.39
CA PHE A 29 13.39 -26.97 -7.12
C PHE A 29 13.83 -25.58 -6.68
N SER A 30 14.29 -24.76 -7.63
CA SER A 30 14.82 -23.45 -7.29
C SER A 30 13.77 -22.51 -6.70
N SER A 31 12.48 -22.76 -6.95
CA SER A 31 11.43 -21.86 -6.53
C SER A 31 10.83 -22.22 -5.17
N TYR A 32 11.26 -23.31 -4.55
CA TYR A 32 10.71 -23.76 -3.28
C TYR A 32 11.82 -23.93 -2.26
N ALA A 33 11.60 -23.39 -1.06
CA ALA A 33 12.54 -23.58 0.04
C ALA A 33 12.48 -25.01 0.55
N MET A 34 13.59 -25.47 1.14
CA MET A 34 13.72 -26.83 1.63
C MET A 34 14.17 -26.83 3.09
N SER A 35 13.74 -27.87 3.82
CA SER A 35 14.08 -28.01 5.22
C SER A 35 14.37 -29.48 5.54
N TRP A 36 15.18 -29.69 6.57
CA TRP A 36 15.46 -31.03 7.09
C TRP A 36 14.80 -31.19 8.46
N VAL A 37 14.13 -32.32 8.64
CA VAL A 37 13.49 -32.66 9.90
C VAL A 37 14.04 -34.00 10.36
N ARG A 38 14.35 -34.11 11.66
CA ARG A 38 15.04 -35.25 12.22
C ARG A 38 14.10 -35.99 13.17
N GLN A 39 14.00 -37.31 12.98
CA GLN A 39 13.17 -38.17 13.81
C GLN A 39 14.07 -39.12 14.59
N SER A 40 14.16 -38.90 15.91
CA SER A 40 14.96 -39.76 16.76
C SER A 40 14.30 -41.14 16.87
N PRO A 41 15.07 -42.16 17.29
CA PRO A 41 14.48 -43.50 17.46
C PRO A 41 13.31 -43.53 18.41
N GLU A 42 13.21 -42.56 19.33
CA GLU A 42 12.04 -42.43 20.20
C GLU A 42 10.83 -41.86 19.46
N LYS A 43 10.92 -41.65 18.14
CA LYS A 43 9.86 -41.15 17.27
C LYS A 43 9.58 -39.66 17.48
N ARG A 44 10.48 -38.94 18.15
CA ARG A 44 10.29 -37.52 18.39
C ARG A 44 10.86 -36.72 17.22
N LEU A 45 10.04 -35.85 16.64
CA LEU A 45 10.46 -35.02 15.51
C LEU A 45 11.21 -33.79 16.01
N GLU A 46 12.36 -33.53 15.39
CA GLU A 46 13.16 -32.35 15.70
C GLU A 46 13.60 -31.70 14.40
N TRP A 47 13.39 -30.39 14.30
CA TRP A 47 13.79 -29.65 13.11
C TRP A 47 15.28 -29.38 13.14
N VAL A 48 15.93 -29.49 11.98
CA VAL A 48 17.38 -29.36 11.89
C VAL A 48 17.76 -28.01 11.30
N ALA A 49 17.38 -27.78 10.05
CA ALA A 49 17.81 -26.58 9.35
C ALA A 49 16.86 -26.30 8.20
N GLU A 50 16.89 -25.06 7.73
CA GLU A 50 16.09 -24.62 6.60
C GLU A 50 16.96 -23.80 5.66
N ILE A 51 16.75 -23.98 4.35
CA ILE A 51 17.43 -23.20 3.33
C ILE A 51 16.37 -22.57 2.44
N SER A 52 16.55 -21.29 2.14
CA SER A 52 15.59 -20.58 1.30
C SER A 52 15.67 -21.08 -0.14
N SER A 53 14.77 -20.55 -0.98
CA SER A 53 14.72 -20.97 -2.37
C SER A 53 16.04 -20.71 -3.09
N GLY A 54 16.60 -19.52 -2.92
CA GLY A 54 17.88 -19.19 -3.50
C GLY A 54 19.09 -19.43 -2.62
N GLY A 55 18.87 -19.81 -1.37
CA GLY A 55 19.95 -20.08 -0.44
C GLY A 55 20.54 -18.85 0.23
N ARG A 56 19.96 -17.67 0.03
CA ARG A 56 20.52 -16.47 0.63
C ARG A 56 20.29 -16.42 2.14
N TYR A 57 19.16 -16.92 2.62
CA TYR A 57 18.91 -17.07 4.06
C TYR A 57 18.98 -18.53 4.45
N ILE A 58 19.74 -18.82 5.50
CA ILE A 58 19.93 -20.15 6.04
C ILE A 58 19.64 -20.12 7.53
N TYR A 59 18.83 -21.06 8.01
CA TYR A 59 18.46 -21.14 9.41
C TYR A 59 18.86 -22.50 9.97
N TYR A 60 19.23 -22.52 11.25
CA TYR A 60 19.65 -23.74 11.92
C TYR A 60 18.97 -23.86 13.27
N SER A 61 18.83 -25.11 13.72
CA SER A 61 18.38 -25.37 15.08
C SER A 61 19.51 -25.09 16.07
N ASP A 62 19.12 -24.85 17.33
CA ASP A 62 20.11 -24.52 18.36
C ASP A 62 21.12 -25.65 18.56
N THR A 63 20.68 -26.90 18.43
CA THR A 63 21.57 -28.03 18.66
C THR A 63 22.60 -28.21 17.55
N VAL A 64 22.31 -27.74 16.34
CA VAL A 64 23.19 -27.96 15.19
C VAL A 64 23.57 -26.62 14.56
N THR A 65 23.43 -25.53 15.33
CA THR A 65 23.70 -24.21 14.78
C THR A 65 25.17 -24.07 14.38
N GLY A 66 26.09 -24.65 15.15
CA GLY A 66 27.50 -24.60 14.86
C GLY A 66 28.11 -25.89 14.36
N ARG A 67 27.31 -26.90 14.03
CA ARG A 67 27.81 -28.22 13.66
C ARG A 67 27.40 -28.66 12.27
N PHE A 68 26.17 -28.43 11.86
CA PHE A 68 25.66 -28.86 10.56
C PHE A 68 25.63 -27.69 9.58
N THR A 69 25.87 -28.00 8.31
CA THR A 69 25.78 -27.04 7.23
C THR A 69 24.82 -27.56 6.17
N ILE A 70 23.85 -26.74 5.80
CA ILE A 70 22.86 -27.07 4.78
C ILE A 70 23.23 -26.34 3.50
N SER A 71 23.16 -27.03 2.37
CA SER A 71 23.43 -26.44 1.07
C SER A 71 22.51 -27.07 0.03
N ARG A 72 22.29 -26.35 -1.05
CA ARG A 72 21.44 -26.81 -2.14
C ARG A 72 22.11 -26.56 -3.48
N ASP A 73 21.73 -27.35 -4.48
CA ASP A 73 22.23 -27.23 -5.85
C ASP A 73 20.99 -27.07 -6.74
N ASN A 74 20.65 -25.82 -7.05
CA ASN A 74 19.47 -25.54 -7.86
C ASN A 74 19.61 -26.13 -9.26
N ALA A 75 20.80 -26.03 -9.85
CA ALA A 75 21.02 -26.59 -11.18
C ALA A 75 20.81 -28.09 -11.18
N ARG A 76 21.32 -28.78 -10.16
CA ARG A 76 21.17 -30.23 -10.05
C ARG A 76 19.89 -30.64 -9.34
N ASN A 77 19.16 -29.68 -8.75
CA ASN A 77 17.90 -29.96 -8.04
C ASN A 77 18.11 -31.00 -6.93
N ILE A 78 19.20 -30.83 -6.19
CA ILE A 78 19.57 -31.76 -5.12
C ILE A 78 19.89 -30.96 -3.87
N LEU A 79 19.39 -31.44 -2.73
CA LEU A 79 19.59 -30.80 -1.43
C LEU A 79 20.62 -31.59 -0.62
N HIS A 80 21.59 -30.88 -0.05
CA HIS A 80 22.67 -31.49 0.72
C HIS A 80 22.63 -31.01 2.16
N LEU A 81 22.96 -31.91 3.07
CA LEU A 81 23.18 -31.59 4.49
C LEU A 81 24.54 -32.14 4.89
N GLU A 82 25.37 -31.28 5.49
CA GLU A 82 26.73 -31.63 5.84
C GLU A 82 26.89 -31.66 7.36
N MET A 83 27.43 -32.76 7.88
CA MET A 83 27.68 -32.93 9.30
C MET A 83 29.18 -32.97 9.54
N SER A 84 29.65 -32.21 10.53
CA SER A 84 31.06 -32.06 10.80
C SER A 84 31.51 -32.82 12.06
N SER A 85 30.76 -32.71 13.14
CA SER A 85 31.16 -33.25 14.44
C SER A 85 30.01 -34.03 15.07
N LEU A 86 29.47 -34.98 14.32
CA LEU A 86 28.34 -35.80 14.78
C LEU A 86 28.61 -36.37 16.17
N ARG A 87 27.64 -36.18 17.07
CA ARG A 87 27.71 -36.65 18.43
C ARG A 87 26.93 -37.95 18.59
N SER A 88 26.87 -38.45 19.83
CA SER A 88 26.19 -39.70 20.09
C SER A 88 24.67 -39.56 19.97
N GLU A 89 24.14 -38.36 20.18
CA GLU A 89 22.70 -38.13 20.15
C GLU A 89 22.17 -37.78 18.76
N ASP A 90 23.03 -37.78 17.74
CA ASP A 90 22.61 -37.41 16.39
C ASP A 90 22.06 -38.57 15.59
N THR A 91 22.14 -39.80 16.11
CA THR A 91 21.62 -40.96 15.39
C THR A 91 20.10 -40.88 15.28
N ALA A 92 19.60 -40.79 14.06
CA ALA A 92 18.17 -40.60 13.79
C ALA A 92 17.93 -40.66 12.29
N MET A 93 16.66 -40.58 11.92
CA MET A 93 16.24 -40.57 10.52
C MET A 93 16.00 -39.13 10.07
N TYR A 94 16.57 -38.76 8.93
CA TYR A 94 16.48 -37.40 8.40
C TYR A 94 15.55 -37.39 7.19
N TYR A 95 14.59 -36.46 7.19
CA TYR A 95 13.68 -36.25 6.07
C TYR A 95 13.85 -34.85 5.53
N CYS A 96 13.89 -34.73 4.20
CA CYS A 96 13.91 -33.43 3.54
C CYS A 96 12.49 -33.04 3.14
N ALA A 97 12.06 -31.85 3.57
CA ALA A 97 10.69 -31.39 3.38
C ALA A 97 10.68 -30.05 2.65
N ARG A 98 9.58 -29.78 1.95
CA ARG A 98 9.40 -28.54 1.21
C ARG A 98 8.66 -27.56 2.11
N GLY A 99 9.31 -26.45 2.46
CA GLY A 99 8.71 -25.48 3.36
C GLY A 99 8.61 -24.08 2.78
N GLU A 100 8.30 -24.00 1.48
CA GLU A 100 8.28 -22.71 0.80
C GLU A 100 7.30 -21.74 1.44
N VAL A 101 6.10 -22.20 1.78
CA VAL A 101 5.09 -21.36 2.41
C VAL A 101 5.08 -21.66 3.89
N ARG A 102 5.35 -20.64 4.71
CA ARG A 102 5.39 -20.85 6.16
C ARG A 102 3.99 -21.00 6.74
N GLN A 103 2.98 -20.44 6.09
CA GLN A 103 1.60 -20.59 6.55
C GLN A 103 0.94 -21.88 6.07
N ARG A 104 1.57 -22.61 5.14
CA ARG A 104 1.04 -23.88 4.67
C ARG A 104 1.77 -25.09 5.23
N GLY A 105 3.00 -24.91 5.72
CA GLY A 105 3.73 -26.01 6.30
C GLY A 105 4.46 -26.87 5.28
N PHE A 106 4.96 -28.01 5.76
CA PHE A 106 5.74 -28.93 4.94
C PHE A 106 4.78 -29.76 4.10
N ASP A 107 4.62 -29.39 2.84
CA ASP A 107 3.63 -30.03 1.97
C ASP A 107 3.97 -31.49 1.73
N TYR A 108 5.20 -31.77 1.30
CA TYR A 108 5.63 -33.13 0.99
C TYR A 108 6.86 -33.50 1.81
N TRP A 109 6.97 -34.79 2.11
CA TRP A 109 8.09 -35.35 2.85
C TRP A 109 8.74 -36.47 2.05
N GLY A 110 10.06 -36.62 2.21
CA GLY A 110 10.80 -37.66 1.53
C GLY A 110 10.77 -38.99 2.28
N GLN A 111 11.33 -40.01 1.61
CA GLN A 111 11.40 -41.34 2.23
C GLN A 111 12.25 -41.33 3.48
N GLY A 112 13.42 -40.70 3.41
CA GLY A 112 14.29 -40.58 4.56
C GLY A 112 15.32 -41.70 4.63
N THR A 113 16.45 -41.39 5.26
CA THR A 113 17.53 -42.33 5.47
C THR A 113 17.92 -42.34 6.94
N THR A 114 18.16 -43.54 7.47
CA THR A 114 18.56 -43.68 8.86
C THR A 114 20.04 -43.38 9.01
N LEU A 115 20.38 -42.69 10.10
CA LEU A 115 21.76 -42.35 10.42
C LEU A 115 22.09 -42.89 11.81
N THR A 116 23.22 -43.57 11.92
CA THR A 116 23.68 -44.12 13.19
C THR A 116 25.13 -43.70 13.43
N VAL A 117 25.47 -43.53 14.71
CA VAL A 117 26.79 -43.06 15.11
C VAL A 117 27.43 -44.06 16.06
N SER A 118 27.07 -45.33 15.94
CA SER A 118 27.59 -46.38 16.81
C SER A 118 29.11 -46.52 16.69
N GLU B 1 13.69 -21.44 22.72
CA GLU B 1 12.91 -22.26 21.80
C GLU B 1 11.47 -22.39 22.27
N ASN B 2 10.53 -22.21 21.35
CA ASN B 2 9.10 -22.29 21.65
C ASN B 2 8.72 -23.76 21.77
N VAL B 3 8.66 -24.25 23.00
CA VAL B 3 8.35 -25.65 23.25
C VAL B 3 6.85 -25.86 23.09
N LEU B 4 6.47 -26.87 22.31
CA LEU B 4 5.08 -27.27 22.13
C LEU B 4 4.86 -28.62 22.78
N THR B 5 3.81 -28.72 23.61
CA THR B 5 3.52 -29.92 24.38
C THR B 5 2.11 -30.39 24.08
N GLN B 6 1.97 -31.70 23.81
CA GLN B 6 0.67 -32.32 23.56
C GLN B 6 0.37 -33.25 24.72
N SER B 7 -0.78 -33.04 25.37
CA SER B 7 -1.09 -33.80 26.60
C SER B 7 -1.35 -35.27 26.33
N PRO B 8 -2.36 -35.67 25.53
CA PRO B 8 -2.69 -37.12 25.46
C PRO B 8 -1.71 -37.92 24.60
N ALA B 9 -0.58 -38.30 25.20
CA ALA B 9 0.46 -39.02 24.47
C ALA B 9 -0.05 -40.34 23.93
N ILE B 10 -0.72 -41.12 24.78
CA ILE B 10 -1.26 -42.43 24.39
C ILE B 10 -2.77 -42.41 24.62
N MET B 11 -3.52 -42.81 23.59
CA MET B 11 -4.98 -42.74 23.63
C MET B 11 -5.56 -44.01 23.01
N SER B 12 -6.10 -44.88 23.84
CA SER B 12 -6.85 -46.02 23.34
C SER B 12 -8.19 -45.56 22.77
N THR B 13 -8.59 -46.15 21.65
CA THR B 13 -9.75 -45.66 20.93
C THR B 13 -10.48 -46.84 20.29
N SER B 14 -11.79 -46.68 20.12
CA SER B 14 -12.64 -47.64 19.45
C SER B 14 -13.32 -46.99 18.25
N PRO B 15 -13.63 -47.75 17.20
CA PRO B 15 -14.20 -47.15 16.00
C PRO B 15 -15.54 -46.47 16.28
N GLY B 16 -15.76 -45.34 15.59
CA GLY B 16 -16.98 -44.58 15.72
C GLY B 16 -16.95 -43.45 16.73
N GLU B 17 -16.30 -43.67 17.87
CA GLU B 17 -16.25 -42.67 18.92
C GLU B 17 -15.44 -41.46 18.49
N LYS B 18 -15.93 -40.27 18.87
CA LYS B 18 -15.22 -39.04 18.56
C LYS B 18 -13.99 -38.89 19.45
N VAL B 19 -12.93 -38.32 18.89
CA VAL B 19 -11.66 -38.15 19.57
C VAL B 19 -11.13 -36.75 19.30
N THR B 20 -10.65 -36.09 20.35
CA THR B 20 -10.03 -34.77 20.23
C THR B 20 -8.72 -34.77 21.01
N MET B 21 -7.68 -34.21 20.40
CA MET B 21 -6.36 -34.10 21.02
C MET B 21 -5.88 -32.66 20.89
N THR B 22 -5.28 -32.15 21.96
CA THR B 22 -4.95 -30.73 22.06
C THR B 22 -3.43 -30.54 22.10
N CYS B 23 -2.97 -29.44 21.50
CA CYS B 23 -1.57 -29.04 21.51
C CYS B 23 -1.43 -27.74 22.28
N ARG B 24 -0.49 -27.70 23.21
CA ARG B 24 -0.22 -26.52 24.03
C ARG B 24 1.15 -25.96 23.69
N ALA B 25 1.21 -24.64 23.53
CA ALA B 25 2.44 -23.94 23.16
C ALA B 25 2.91 -23.06 24.31
N SER B 26 4.21 -23.04 24.54
CA SER B 26 4.81 -22.22 25.60
C SER B 26 4.92 -20.75 25.21
N SER B 27 4.67 -20.40 23.95
CA SER B 27 4.74 -19.03 23.50
C SER B 27 3.62 -18.77 22.50
N SER B 28 3.34 -17.49 22.27
CA SER B 28 2.27 -17.10 21.37
C SER B 28 2.55 -17.57 19.95
N VAL B 29 1.65 -18.38 19.41
CA VAL B 29 1.76 -18.90 18.05
C VAL B 29 0.56 -18.39 17.25
N GLY B 30 0.84 -17.83 16.07
CA GLY B 30 -0.22 -17.34 15.23
C GLY B 30 -1.10 -18.45 14.69
N SER B 31 -2.34 -18.08 14.36
CA SER B 31 -3.30 -19.05 13.84
C SER B 31 -2.82 -19.63 12.52
N SER B 32 -2.30 -18.79 11.63
CA SER B 32 -1.86 -19.24 10.32
C SER B 32 -0.53 -19.98 10.37
N TYR B 33 0.17 -19.98 11.50
CA TYR B 33 1.50 -20.56 11.60
C TYR B 33 1.53 -21.88 12.36
N LEU B 34 0.36 -22.51 12.55
CA LEU B 34 0.28 -23.80 13.22
C LEU B 34 -0.27 -24.84 12.27
N HIS B 35 0.40 -25.99 12.20
CA HIS B 35 0.01 -27.07 11.30
C HIS B 35 0.15 -28.40 12.02
N TRP B 36 -0.61 -29.38 11.55
CA TRP B 36 -0.55 -30.76 12.05
C TRP B 36 -0.09 -31.70 10.95
N TYR B 37 0.63 -32.74 11.34
CA TYR B 37 1.16 -33.74 10.43
C TYR B 37 0.74 -35.13 10.90
N GLN B 38 0.36 -35.99 9.96
CA GLN B 38 0.00 -37.37 10.24
C GLN B 38 1.13 -38.27 9.79
N GLN B 39 1.52 -39.21 10.64
CA GLN B 39 2.61 -40.14 10.36
C GLN B 39 2.13 -41.56 10.63
N LYS B 40 1.92 -42.32 9.56
CA LYS B 40 1.58 -43.74 9.72
C LYS B 40 2.82 -44.53 10.17
N SER B 41 2.56 -45.65 10.83
CA SER B 41 3.64 -46.51 11.30
C SER B 41 4.54 -46.95 10.14
N GLY B 42 5.84 -46.77 10.31
CA GLY B 42 6.79 -47.13 9.26
C GLY B 42 6.71 -46.27 8.02
N ALA B 43 6.21 -45.05 8.13
CA ALA B 43 6.06 -44.17 6.98
C ALA B 43 6.45 -42.75 7.38
N SER B 44 6.83 -41.96 6.37
CA SER B 44 7.17 -40.57 6.60
C SER B 44 5.91 -39.78 6.96
N PRO B 45 6.06 -38.71 7.76
CA PRO B 45 4.88 -37.90 8.11
C PRO B 45 4.31 -37.18 6.89
N LYS B 46 3.00 -36.92 6.95
CA LYS B 46 2.29 -36.24 5.88
C LYS B 46 1.43 -35.11 6.45
N LEU B 47 1.38 -34.00 5.73
CA LEU B 47 0.60 -32.85 6.17
C LEU B 47 -0.88 -33.20 6.27
N TRP B 48 -1.52 -32.76 7.36
CA TRP B 48 -2.93 -33.02 7.60
C TRP B 48 -3.76 -31.74 7.63
N ILE B 49 -3.45 -30.80 8.52
CA ILE B 49 -4.16 -29.53 8.59
C ILE B 49 -3.14 -28.40 8.70
N TYR B 50 -3.39 -27.33 7.94
CA TYR B 50 -2.56 -26.14 7.96
C TYR B 50 -3.45 -24.92 8.16
N SER B 51 -2.88 -23.88 8.79
CA SER B 51 -3.57 -22.65 9.17
C SER B 51 -4.65 -22.88 10.22
N THR B 52 -4.64 -24.03 10.89
CA THR B 52 -5.49 -24.44 12.00
C THR B 52 -6.91 -24.77 11.54
N SER B 53 -7.28 -24.48 10.29
CA SER B 53 -8.61 -24.84 9.80
C SER B 53 -8.62 -25.45 8.41
N ASN B 54 -7.61 -25.22 7.57
CA ASN B 54 -7.62 -25.68 6.18
C ASN B 54 -7.08 -27.09 6.10
N LEU B 55 -7.88 -27.99 5.53
CA LEU B 55 -7.50 -29.40 5.40
C LEU B 55 -6.58 -29.59 4.21
N ALA B 56 -5.60 -30.49 4.36
CA ALA B 56 -4.71 -30.83 3.26
C ALA B 56 -5.47 -31.57 2.16
N SER B 57 -4.76 -31.84 1.06
CA SER B 57 -5.41 -32.43 -0.11
C SER B 57 -5.93 -33.83 0.18
N GLY B 58 -5.15 -34.65 0.90
CA GLY B 58 -5.51 -36.04 1.06
C GLY B 58 -6.41 -36.35 2.24
N VAL B 59 -6.38 -35.52 3.27
CA VAL B 59 -7.17 -35.78 4.47
C VAL B 59 -8.65 -35.59 4.15
N PRO B 60 -9.52 -36.54 4.50
CA PRO B 60 -10.95 -36.36 4.26
C PRO B 60 -11.54 -35.31 5.21
N ALA B 61 -12.75 -34.88 4.88
CA ALA B 61 -13.47 -33.89 5.70
C ALA B 61 -13.78 -34.40 7.09
N ARG B 62 -13.44 -35.66 7.40
CA ARG B 62 -13.65 -36.21 8.74
C ARG B 62 -12.91 -35.40 9.80
N PHE B 63 -11.76 -34.83 9.46
CA PHE B 63 -10.92 -34.11 10.41
C PHE B 63 -11.21 -32.62 10.37
N SER B 64 -11.00 -31.96 11.51
CA SER B 64 -11.16 -30.53 11.63
C SER B 64 -10.25 -30.02 12.75
N GLY B 65 -9.95 -28.72 12.70
CA GLY B 65 -9.05 -28.11 13.66
C GLY B 65 -9.60 -26.82 14.21
N SER B 66 -9.09 -26.44 15.38
CA SER B 66 -9.49 -25.21 16.05
C SER B 66 -8.41 -24.79 17.02
N GLY B 67 -8.50 -23.54 17.48
CA GLY B 67 -7.58 -23.00 18.46
C GLY B 67 -6.98 -21.68 18.01
N SER B 68 -6.41 -20.98 18.98
CA SER B 68 -5.80 -19.67 18.73
C SER B 68 -4.97 -19.26 19.94
N GLY B 69 -3.88 -18.55 19.67
CA GLY B 69 -3.06 -17.94 20.69
C GLY B 69 -2.04 -18.85 21.34
N THR B 70 -2.49 -19.69 22.28
CA THR B 70 -1.58 -20.58 22.98
C THR B 70 -2.11 -22.00 23.17
N SER B 71 -3.34 -22.28 22.76
CA SER B 71 -3.93 -23.61 22.87
C SER B 71 -4.57 -23.98 21.55
N TYR B 72 -4.24 -25.17 21.04
CA TYR B 72 -4.73 -25.61 19.75
C TYR B 72 -5.20 -27.05 19.88
N SER B 73 -6.17 -27.43 19.03
CA SER B 73 -6.71 -28.78 19.09
C SER B 73 -7.34 -29.13 17.75
N LEU B 74 -7.31 -30.42 17.42
CA LEU B 74 -7.98 -30.96 16.25
C LEU B 74 -8.76 -32.20 16.67
N THR B 75 -9.94 -32.38 16.10
CA THR B 75 -10.86 -33.44 16.51
C THR B 75 -11.26 -34.29 15.32
N ILE B 76 -11.75 -35.49 15.61
CA ILE B 76 -12.23 -36.44 14.62
C ILE B 76 -13.70 -36.69 14.88
N SER B 77 -14.53 -36.52 13.83
CA SER B 77 -15.97 -36.70 14.00
C SER B 77 -16.31 -38.14 14.35
N SER B 78 -15.71 -39.10 13.65
CA SER B 78 -15.95 -40.52 13.91
C SER B 78 -14.73 -41.29 13.42
N VAL B 79 -13.86 -41.68 14.36
CA VAL B 79 -12.59 -42.30 13.99
C VAL B 79 -12.82 -43.58 13.22
N GLU B 80 -12.03 -43.79 12.17
CA GLU B 80 -12.07 -45.00 11.37
C GLU B 80 -10.82 -45.84 11.64
N ALA B 81 -10.79 -47.03 11.04
CA ALA B 81 -9.63 -47.92 11.20
C ALA B 81 -8.37 -47.31 10.61
N GLU B 82 -8.50 -46.52 9.55
CA GLU B 82 -7.34 -45.89 8.92
C GLU B 82 -6.84 -44.67 9.67
N ASP B 83 -7.54 -44.22 10.70
CA ASP B 83 -7.14 -43.03 11.45
C ASP B 83 -6.07 -43.31 12.48
N ALA B 84 -5.69 -44.57 12.70
CA ALA B 84 -4.68 -44.93 13.69
C ALA B 84 -3.31 -44.48 13.18
N ALA B 85 -2.81 -43.37 13.72
CA ALA B 85 -1.52 -42.82 13.34
C ALA B 85 -1.11 -41.79 14.38
N THR B 86 0.12 -41.29 14.24
CA THR B 86 0.67 -40.30 15.15
C THR B 86 0.54 -38.91 14.55
N TYR B 87 0.03 -37.96 15.33
CA TYR B 87 -0.19 -36.60 14.89
C TYR B 87 0.69 -35.65 15.71
N TYR B 88 1.39 -34.74 15.03
CA TYR B 88 2.27 -33.78 15.66
C TYR B 88 1.84 -32.37 15.29
N CYS B 89 1.70 -31.51 16.29
CA CYS B 89 1.52 -30.08 16.03
C CYS B 89 2.86 -29.43 15.80
N GLN B 90 2.88 -28.41 14.93
CA GLN B 90 4.10 -27.71 14.61
C GLN B 90 3.81 -26.21 14.52
N GLN B 91 4.71 -25.41 15.07
CA GLN B 91 4.62 -23.96 14.98
C GLN B 91 5.60 -23.46 13.93
N PHE B 92 5.15 -22.55 13.08
CA PHE B 92 5.98 -21.99 12.02
C PHE B 92 6.21 -20.49 12.20
N SER B 93 5.85 -19.93 13.36
CA SER B 93 5.88 -18.50 13.55
C SER B 93 7.30 -17.96 13.77
N GLY B 94 8.16 -18.74 14.42
CA GLY B 94 9.50 -18.27 14.71
C GLY B 94 10.47 -19.42 14.86
N TYR B 95 11.71 -19.17 14.48
CA TYR B 95 12.76 -20.18 14.55
C TYR B 95 13.36 -20.23 15.95
N PRO B 96 13.86 -21.40 16.37
CA PRO B 96 13.84 -22.70 15.69
C PRO B 96 12.45 -23.31 15.58
N LEU B 97 12.17 -24.01 14.48
CA LEU B 97 10.89 -24.70 14.34
C LEU B 97 10.81 -25.86 15.32
N THR B 98 9.62 -26.05 15.90
CA THR B 98 9.42 -27.08 16.91
C THR B 98 8.18 -27.89 16.61
N PHE B 99 8.22 -29.17 16.94
CA PHE B 99 7.10 -30.08 16.79
C PHE B 99 6.60 -30.51 18.16
N GLY B 100 5.32 -30.88 18.22
CA GLY B 100 4.75 -31.36 19.46
C GLY B 100 5.26 -32.73 19.85
N SER B 101 4.89 -33.15 21.06
CA SER B 101 5.29 -34.46 21.55
C SER B 101 4.67 -35.58 20.71
N GLY B 102 3.47 -35.37 20.19
CA GLY B 102 2.83 -36.34 19.34
C GLY B 102 1.93 -37.32 20.07
N THR B 103 0.75 -37.59 19.49
CA THR B 103 -0.20 -38.55 20.03
C THR B 103 -0.36 -39.68 19.04
N LYS B 104 -0.09 -40.90 19.50
CA LYS B 104 -0.22 -42.09 18.65
C LYS B 104 -1.53 -42.78 18.96
N LEU B 105 -2.47 -42.72 18.01
CA LEU B 105 -3.74 -43.41 18.15
C LEU B 105 -3.52 -44.89 17.90
N GLU B 106 -3.69 -45.70 18.94
CA GLU B 106 -3.35 -47.12 18.88
C GLU B 106 -4.47 -47.99 18.32
N MET B 107 -5.64 -47.41 18.05
CA MET B 107 -6.76 -48.16 17.50
C MET B 107 -7.85 -47.23 17.00
N LYS C 47 -8.72 -6.89 15.66
CA LYS C 47 -9.17 -6.72 14.28
C LYS C 47 -9.86 -5.36 14.11
N ILE C 48 -10.80 -5.06 15.00
CA ILE C 48 -11.51 -3.78 14.93
C ILE C 48 -10.55 -2.62 15.13
N ASP C 49 -9.64 -2.75 16.11
CA ASP C 49 -8.67 -1.68 16.37
C ASP C 49 -7.75 -1.46 15.17
N PHE C 50 -7.32 -2.54 14.51
CA PHE C 50 -6.48 -2.40 13.33
C PHE C 50 -7.22 -1.67 12.21
N VAL C 51 -8.50 -2.01 12.00
CA VAL C 51 -9.29 -1.33 10.98
C VAL C 51 -9.48 0.14 11.35
N LEU C 52 -9.68 0.43 12.64
CA LEU C 52 -9.82 1.82 13.05
C LEU C 52 -8.53 2.61 12.82
N SER C 53 -7.38 2.01 13.11
CA SER C 53 -6.11 2.64 12.80
C SER C 53 -5.97 2.89 11.30
N VAL C 54 -6.45 1.95 10.49
CA VAL C 54 -6.52 2.13 9.04
C VAL C 54 -7.43 3.30 8.67
N ALA C 55 -8.52 3.48 9.42
CA ALA C 55 -9.53 4.49 9.09
C ALA C 55 -8.97 5.89 9.12
N GLY C 56 -7.84 6.09 9.81
CA GLY C 56 -7.13 7.34 9.66
C GLY C 56 -6.64 7.56 8.24
N GLY C 57 -6.11 6.51 7.61
CA GLY C 57 -5.46 6.66 6.33
C GLY C 57 -6.14 6.16 5.07
N PHE C 58 -7.29 5.49 5.12
CA PHE C 58 -7.86 4.98 3.87
C PHE C 58 -8.90 5.91 3.27
N VAL C 59 -9.00 7.15 3.75
CA VAL C 59 -9.84 8.17 3.13
C VAL C 59 -9.12 9.50 3.26
N GLY C 60 -9.24 10.34 2.22
CA GLY C 60 -8.58 11.62 2.23
C GLY C 60 -9.16 12.53 1.16
N LEU C 61 -8.55 13.71 1.05
CA LEU C 61 -8.99 14.67 0.04
C LEU C 61 -8.80 14.14 -1.37
N GLY C 62 -7.85 13.22 -1.57
CA GLY C 62 -7.66 12.65 -2.89
C GLY C 62 -8.89 11.92 -3.39
N ASN C 63 -9.65 11.32 -2.47
CA ASN C 63 -10.87 10.62 -2.83
C ASN C 63 -12.06 11.58 -2.91
N VAL C 64 -12.25 12.40 -1.87
CA VAL C 64 -13.45 13.22 -1.80
C VAL C 64 -13.41 14.34 -2.84
N TRP C 65 -12.24 14.96 -3.03
CA TRP C 65 -12.11 16.15 -3.88
C TRP C 65 -11.49 15.82 -5.23
N ARG C 66 -10.32 15.19 -5.25
CA ARG C 66 -9.57 15.07 -6.50
C ARG C 66 -10.28 14.15 -7.49
N PHE C 67 -10.66 12.94 -7.05
CA PHE C 67 -11.25 11.97 -7.96
C PHE C 67 -12.48 12.51 -8.68
N PRO C 68 -13.45 13.15 -8.00
CA PRO C 68 -14.63 13.63 -8.75
C PRO C 68 -14.32 14.63 -9.84
N TYR C 69 -13.37 15.56 -9.63
CA TYR C 69 -13.17 16.58 -10.66
C TYR C 69 -12.41 16.00 -11.84
N LEU C 70 -11.48 15.08 -11.59
CA LEU C 70 -10.82 14.38 -12.68
C LEU C 70 -11.82 13.55 -13.48
N CYS C 71 -12.75 12.89 -12.78
CA CYS C 71 -13.77 12.11 -13.48
C CYS C 71 -14.66 13.02 -14.33
N TYR C 72 -15.08 14.16 -13.76
CA TYR C 72 -15.92 15.10 -14.49
C TYR C 72 -15.19 15.72 -15.67
N LYS C 73 -13.90 16.02 -15.49
CA LYS C 73 -13.11 16.66 -16.55
C LYS C 73 -12.93 15.75 -17.75
N ASN C 74 -12.85 14.45 -17.53
CA ASN C 74 -12.57 13.45 -18.57
C ASN C 74 -13.85 12.71 -19.02
N GLY C 75 -14.99 13.39 -19.01
CA GLY C 75 -16.25 12.86 -19.54
C GLY C 75 -16.99 11.86 -18.66
N GLY C 76 -16.57 11.65 -17.41
CA GLY C 76 -17.30 10.80 -16.49
C GLY C 76 -17.03 9.31 -16.64
N GLY C 77 -17.90 8.60 -17.33
CA GLY C 77 -17.80 7.13 -17.42
C GLY C 77 -16.60 6.64 -18.21
N ALA C 78 -16.11 7.42 -19.18
CA ALA C 78 -14.93 7.08 -19.97
C ALA C 78 -13.66 6.98 -19.10
N PHE C 79 -13.55 7.81 -18.06
CA PHE C 79 -12.42 7.81 -17.14
C PHE C 79 -12.35 6.57 -16.26
N LEU C 80 -13.47 5.89 -16.02
CA LEU C 80 -13.43 4.74 -15.12
C LEU C 80 -12.64 3.56 -15.69
N ILE C 81 -12.74 3.31 -17.00
CA ILE C 81 -12.09 2.19 -17.68
C ILE C 81 -10.58 2.19 -17.44
N PRO C 82 -9.81 3.21 -17.84
CA PRO C 82 -8.41 3.30 -17.47
C PRO C 82 -8.20 3.41 -15.96
N TYR C 83 -9.14 3.94 -15.18
CA TYR C 83 -8.99 3.99 -13.72
C TYR C 83 -8.90 2.58 -13.14
N PHE C 84 -9.82 1.70 -13.50
CA PHE C 84 -9.78 0.33 -13.00
C PHE C 84 -8.64 -0.47 -13.61
N ILE C 85 -8.33 -0.24 -14.89
CA ILE C 85 -7.23 -0.95 -15.53
C ILE C 85 -5.94 -0.67 -14.79
N PHE C 86 -5.64 0.61 -14.55
CA PHE C 86 -4.44 0.95 -13.78
C PHE C 86 -4.57 0.50 -12.34
N LEU C 87 -5.77 0.53 -11.76
CA LEU C 87 -5.96 0.04 -10.41
C LEU C 87 -5.38 -1.36 -10.27
N PHE C 88 -5.98 -2.33 -10.95
CA PHE C 88 -5.55 -3.71 -10.78
C PHE C 88 -4.23 -4.03 -11.49
N GLY C 89 -3.86 -3.27 -12.52
CA GLY C 89 -2.58 -3.50 -13.17
C GLY C 89 -1.38 -3.09 -12.33
N SER C 90 -1.45 -1.91 -11.72
CA SER C 90 -0.25 -1.35 -11.11
C SER C 90 -0.45 -0.87 -9.68
N GLY C 91 -1.63 -0.30 -9.38
CA GLY C 91 -1.79 0.44 -8.15
C GLY C 91 -1.52 -0.40 -6.92
N LEU C 92 -2.31 -1.47 -6.78
CA LEU C 92 -2.12 -2.39 -5.66
C LEU C 92 -0.74 -3.03 -5.68
N PRO C 93 -0.23 -3.56 -6.79
CA PRO C 93 1.13 -4.14 -6.76
C PRO C 93 2.22 -3.16 -6.40
N VAL C 94 2.17 -1.92 -6.91
CA VAL C 94 3.21 -0.94 -6.56
C VAL C 94 3.09 -0.52 -5.11
N PHE C 95 1.86 -0.40 -4.61
CA PHE C 95 1.65 -0.11 -3.19
C PHE C 95 2.26 -1.20 -2.32
N PHE C 96 1.98 -2.46 -2.66
CA PHE C 96 2.56 -3.58 -1.93
C PHE C 96 4.08 -3.58 -2.03
N LEU C 97 4.60 -3.26 -3.22
CA LEU C 97 6.05 -3.25 -3.44
C LEU C 97 6.73 -2.18 -2.60
N GLU C 98 6.16 -0.97 -2.55
CA GLU C 98 6.76 0.09 -1.74
C GLU C 98 6.69 -0.24 -0.25
N ILE C 99 5.55 -0.79 0.20
CA ILE C 99 5.44 -1.16 1.60
C ILE C 99 6.45 -2.25 1.95
N ILE C 100 6.64 -3.21 1.04
CA ILE C 100 7.63 -4.28 1.25
C ILE C 100 9.03 -3.69 1.31
N ILE C 101 9.34 -2.73 0.43
CA ILE C 101 10.64 -2.07 0.48
C ILE C 101 10.86 -1.42 1.84
N GLY C 102 9.85 -0.66 2.30
CA GLY C 102 9.98 0.03 3.56
C GLY C 102 10.19 -0.92 4.73
N GLN C 103 9.44 -2.02 4.74
CA GLN C 103 9.61 -3.01 5.80
C GLN C 103 10.97 -3.70 5.70
N TYR C 104 11.41 -4.00 4.47
CA TYR C 104 12.66 -4.72 4.28
C TYR C 104 13.86 -3.92 4.74
N THR C 105 13.88 -2.62 4.43
CA THR C 105 15.03 -1.81 4.84
C THR C 105 14.87 -1.26 6.25
N SER C 106 13.63 -0.95 6.67
CA SER C 106 13.36 -0.37 7.98
C SER C 106 14.08 0.97 8.15
N GLU C 107 13.97 1.81 7.12
CA GLU C 107 14.56 3.14 7.12
C GLU C 107 13.74 4.03 6.21
N GLY C 108 14.28 5.20 5.87
CA GLY C 108 13.57 6.13 5.02
C GLY C 108 13.50 5.66 3.58
N GLY C 109 12.74 6.41 2.79
CA GLY C 109 12.56 6.07 1.39
C GLY C 109 13.77 6.32 0.52
N ILE C 110 14.77 7.03 1.03
CA ILE C 110 16.01 7.30 0.30
C ILE C 110 17.09 6.29 0.62
N THR C 111 17.16 5.83 1.86
CA THR C 111 18.20 4.90 2.28
C THR C 111 17.95 3.49 1.76
N CYS C 112 16.69 3.11 1.54
CA CYS C 112 16.37 1.74 1.15
C CYS C 112 17.00 1.39 -0.20
N TRP C 113 17.02 2.35 -1.13
CA TRP C 113 17.59 2.07 -2.44
C TRP C 113 19.08 1.76 -2.36
N GLU C 114 19.76 2.22 -1.31
CA GLU C 114 21.15 1.80 -1.10
C GLU C 114 21.24 0.31 -0.85
N LYS C 115 20.30 -0.23 -0.07
CA LYS C 115 20.24 -1.68 0.16
C LYS C 115 19.63 -2.45 -0.99
N ILE C 116 19.00 -1.77 -1.95
CA ILE C 116 18.42 -2.42 -3.12
C ILE C 116 19.29 -2.23 -4.36
N CYS C 117 19.49 -0.98 -4.78
CA CYS C 117 20.29 -0.68 -5.97
C CYS C 117 20.90 0.70 -5.80
N PRO C 118 22.18 0.78 -5.42
CA PRO C 118 22.81 2.09 -5.22
C PRO C 118 22.76 3.00 -6.44
N LEU C 119 22.79 2.44 -7.65
CA LEU C 119 22.75 3.28 -8.85
C LEU C 119 21.46 4.08 -8.93
N PHE C 120 20.32 3.45 -8.60
CA PHE C 120 19.02 4.10 -8.69
C PHE C 120 18.58 4.74 -7.39
N SER C 121 19.52 5.22 -6.57
CA SER C 121 19.16 5.91 -5.33
C SER C 121 18.40 7.21 -5.59
N GLY C 122 18.45 7.72 -6.82
CA GLY C 122 17.74 8.94 -7.15
C GLY C 122 16.23 8.82 -7.08
N ILE C 123 15.70 7.61 -6.99
CA ILE C 123 14.26 7.43 -6.85
C ILE C 123 13.77 8.02 -5.53
N GLY C 124 14.51 7.78 -4.45
CA GLY C 124 14.14 8.38 -3.17
C GLY C 124 14.20 9.90 -3.20
N TYR C 125 15.20 10.45 -3.88
CA TYR C 125 15.29 11.91 -4.01
C TYR C 125 14.12 12.45 -4.81
N ALA C 126 13.74 11.76 -5.89
CA ALA C 126 12.56 12.16 -6.65
C ALA C 126 11.31 12.09 -5.80
N SER C 127 11.20 11.07 -4.95
CA SER C 127 10.03 10.95 -4.08
C SER C 127 10.00 12.08 -3.06
N VAL C 128 11.15 12.44 -2.48
CA VAL C 128 11.18 13.48 -1.47
C VAL C 128 10.87 14.84 -2.09
N VAL C 129 11.36 15.10 -3.31
CA VAL C 129 11.03 16.37 -3.95
C VAL C 129 9.55 16.40 -4.37
N ILE C 130 9.00 15.23 -4.74
CA ILE C 130 7.56 15.15 -5.01
C ILE C 130 6.76 15.51 -3.77
N VAL C 131 7.17 14.98 -2.62
CA VAL C 131 6.49 15.32 -1.35
C VAL C 131 6.64 16.81 -1.06
N SER C 132 7.83 17.37 -1.31
CA SER C 132 8.06 18.78 -1.04
C SER C 132 7.16 19.66 -1.89
N LEU C 133 6.98 19.29 -3.16
CA LEU C 133 6.10 20.07 -4.04
C LEU C 133 4.63 19.86 -3.67
N LEU C 134 4.27 18.64 -3.28
CA LEU C 134 2.89 18.35 -2.89
C LEU C 134 2.48 19.13 -1.65
N ASN C 135 3.37 19.22 -0.66
CA ASN C 135 3.03 19.90 0.58
C ASN C 135 2.80 21.40 0.38
N VAL C 136 3.26 21.95 -0.75
CA VAL C 136 3.09 23.38 -0.98
C VAL C 136 1.68 23.69 -1.48
N TYR C 137 1.19 22.90 -2.43
CA TYR C 137 -0.11 23.18 -3.04
C TYR C 137 -1.27 22.43 -2.42
N TYR C 138 -1.01 21.34 -1.69
CA TYR C 138 -2.09 20.56 -1.10
C TYR C 138 -2.81 21.38 -0.02
N ILE C 139 -2.06 22.20 0.72
CA ILE C 139 -2.60 22.96 1.83
C ILE C 139 -3.51 24.11 1.38
N VAL C 140 -3.39 24.54 0.12
CA VAL C 140 -4.30 25.57 -0.39
C VAL C 140 -5.74 25.08 -0.36
N ILE C 141 -5.94 23.77 -0.50
CA ILE C 141 -7.29 23.22 -0.38
C ILE C 141 -7.82 23.44 1.03
N LEU C 142 -6.99 23.20 2.05
CA LEU C 142 -7.39 23.48 3.42
C LEU C 142 -7.61 24.97 3.64
N ALA C 143 -6.86 25.83 2.95
CA ALA C 143 -7.08 27.27 3.06
C ALA C 143 -8.46 27.65 2.52
N TRP C 144 -8.82 27.11 1.35
CA TRP C 144 -10.15 27.34 0.80
C TRP C 144 -11.23 26.80 1.73
N ALA C 145 -10.99 25.62 2.31
CA ALA C 145 -11.94 25.05 3.24
C ALA C 145 -12.11 25.92 4.47
N THR C 146 -11.01 26.47 4.98
CA THR C 146 -11.08 27.37 6.14
C THR C 146 -11.86 28.63 5.81
N TYR C 147 -11.64 29.19 4.62
CA TYR C 147 -12.40 30.37 4.21
C TYR C 147 -13.89 30.05 4.12
N TYR C 148 -14.22 28.89 3.54
CA TYR C 148 -15.63 28.48 3.46
C TYR C 148 -16.23 28.26 4.85
N LEU C 149 -15.46 27.67 5.77
CA LEU C 149 -15.96 27.43 7.11
C LEU C 149 -16.24 28.75 7.83
N PHE C 150 -15.33 29.71 7.71
CA PHE C 150 -15.58 31.02 8.31
C PHE C 150 -16.78 31.70 7.67
N GLN C 151 -16.93 31.60 6.35
CA GLN C 151 -18.10 32.17 5.70
C GLN C 151 -19.40 31.46 6.09
N SER C 152 -19.31 30.21 6.54
CA SER C 152 -20.51 29.46 6.92
C SER C 152 -21.10 29.94 8.25
N PHE C 153 -20.32 30.63 9.07
CA PHE C 153 -20.80 31.15 10.35
C PHE C 153 -21.64 32.41 10.09
N GLN C 154 -22.80 32.18 9.48
CA GLN C 154 -23.69 33.26 9.08
C GLN C 154 -25.13 32.77 9.17
N LYS C 155 -26.05 33.74 9.23
CA LYS C 155 -27.48 33.39 9.27
C LYS C 155 -27.90 32.67 7.98
N GLU C 156 -27.42 33.15 6.84
CA GLU C 156 -27.71 32.53 5.55
C GLU C 156 -26.40 32.34 4.80
N LEU C 157 -26.26 31.18 4.16
CA LEU C 157 -25.05 30.90 3.40
C LEU C 157 -24.91 31.88 2.24
N PRO C 158 -23.74 32.49 2.06
CA PRO C 158 -23.60 33.51 0.99
C PRO C 158 -23.83 32.96 -0.41
N TRP C 159 -23.54 31.68 -0.64
CA TRP C 159 -23.68 31.10 -1.97
C TRP C 159 -25.09 30.65 -2.29
N ALA C 160 -26.02 30.75 -1.32
CA ALA C 160 -27.39 30.32 -1.58
C ALA C 160 -28.08 31.22 -2.59
N HIS C 161 -27.85 32.53 -2.53
CA HIS C 161 -28.48 33.49 -3.41
C HIS C 161 -27.46 34.55 -3.80
N CYS C 162 -27.74 35.24 -4.91
CA CYS C 162 -26.86 36.27 -5.44
C CYS C 162 -27.55 37.63 -5.30
N ASN C 163 -27.30 38.31 -4.18
CA ASN C 163 -27.80 39.66 -3.96
C ASN C 163 -26.75 40.53 -3.28
N HIS C 164 -25.47 40.27 -3.54
CA HIS C 164 -24.37 40.90 -2.83
C HIS C 164 -23.58 41.82 -3.77
N SER C 165 -22.55 42.45 -3.21
CA SER C 165 -21.77 43.42 -3.96
C SER C 165 -20.83 42.77 -4.96
N TRP C 166 -20.39 41.55 -4.69
CA TRP C 166 -19.43 40.85 -5.55
C TRP C 166 -20.11 40.11 -6.70
N ASN C 167 -21.42 40.26 -6.85
CA ASN C 167 -22.20 39.41 -7.73
C ASN C 167 -22.44 40.09 -9.08
N THR C 168 -22.36 39.31 -10.16
CA THR C 168 -22.57 39.83 -11.49
C THR C 168 -24.05 40.14 -11.70
N PRO C 169 -24.38 41.04 -12.63
CA PRO C 169 -25.79 41.30 -12.94
C PRO C 169 -26.43 40.25 -13.84
N HIS C 170 -25.67 39.29 -14.34
CA HIS C 170 -26.20 38.18 -15.13
C HIS C 170 -26.66 37.01 -14.29
N CYS C 171 -26.52 37.07 -12.97
CA CYS C 171 -26.94 35.95 -12.12
C CYS C 171 -28.44 35.74 -12.20
N MET C 172 -28.83 34.47 -12.11
CA MET C 172 -30.25 34.13 -12.07
C MET C 172 -30.39 32.88 -11.21
N GLU C 173 -31.42 32.87 -10.36
CA GLU C 173 -31.62 31.75 -9.43
C GLU C 173 -31.85 30.46 -10.20
N ASP C 174 -31.31 29.35 -9.66
CA ASP C 174 -31.43 28.06 -10.32
C ASP C 174 -32.88 27.65 -10.51
N THR C 175 -33.71 27.85 -9.48
CA THR C 175 -35.13 27.52 -9.59
C THR C 175 -35.80 28.37 -10.68
N MET C 176 -35.50 29.66 -10.71
CA MET C 176 -36.13 30.55 -11.68
C MET C 176 -35.36 30.68 -12.98
N ARG C 177 -34.16 30.06 -13.08
CA ARG C 177 -33.43 30.07 -14.34
C ARG C 177 -34.18 29.35 -15.45
N LYS C 178 -35.08 28.45 -15.11
CA LYS C 178 -35.88 27.71 -16.09
C LYS C 178 -37.37 27.94 -15.88
N ASN C 179 -37.74 29.07 -15.27
CA ASN C 179 -39.15 29.38 -15.02
C ASN C 179 -39.90 29.69 -16.32
N THR C 189 -30.44 32.57 -21.85
CA THR C 189 -29.34 33.51 -21.94
C THR C 189 -28.12 32.99 -21.18
N ASN C 190 -27.10 33.85 -21.05
CA ASN C 190 -25.85 33.48 -20.37
C ASN C 190 -25.93 33.79 -18.89
N PHE C 191 -26.93 33.20 -18.23
CA PHE C 191 -27.06 33.35 -16.79
C PHE C 191 -26.00 32.55 -16.06
N THR C 192 -25.71 32.97 -14.83
CA THR C 192 -24.69 32.34 -13.99
C THR C 192 -25.30 31.95 -12.66
N SER C 193 -24.99 30.73 -12.20
CA SER C 193 -25.50 30.26 -10.92
C SER C 193 -24.80 31.00 -9.78
N PRO C 194 -25.53 31.31 -8.70
CA PRO C 194 -24.89 32.04 -7.58
C PRO C 194 -23.75 31.27 -6.93
N VAL C 195 -23.82 29.95 -6.84
CA VAL C 195 -22.77 29.18 -6.18
C VAL C 195 -21.48 29.25 -6.98
N ILE C 196 -21.57 29.05 -8.29
CA ILE C 196 -20.37 29.02 -9.13
C ILE C 196 -19.65 30.35 -9.07
N GLU C 197 -20.39 31.45 -9.26
CA GLU C 197 -19.74 32.76 -9.24
C GLU C 197 -19.37 33.21 -7.84
N PHE C 198 -20.03 32.69 -6.80
CA PHE C 198 -19.52 32.90 -5.45
C PHE C 198 -18.14 32.28 -5.31
N TRP C 199 -17.98 31.04 -5.77
CA TRP C 199 -16.67 30.40 -5.75
C TRP C 199 -15.65 31.20 -6.56
N GLU C 200 -16.05 31.65 -7.75
CA GLU C 200 -15.09 32.29 -8.66
C GLU C 200 -14.69 33.68 -8.18
N ARG C 201 -15.65 34.48 -7.70
CA ARG C 201 -15.44 35.90 -7.44
C ARG C 201 -15.17 36.21 -5.97
N ASN C 202 -15.85 35.53 -5.04
CA ASN C 202 -15.70 35.84 -3.62
C ASN C 202 -14.55 35.05 -3.01
N VAL C 203 -14.61 33.71 -3.08
CA VAL C 203 -13.55 32.90 -2.52
C VAL C 203 -12.28 33.01 -3.35
N LEU C 204 -12.41 32.95 -4.67
CA LEU C 204 -11.26 32.90 -5.56
C LEU C 204 -10.87 34.26 -6.12
N SER C 205 -11.84 35.09 -6.49
CA SER C 205 -11.59 36.35 -7.21
C SER C 205 -10.75 36.08 -8.45
N LEU C 206 -11.28 35.19 -9.29
CA LEU C 206 -10.51 34.66 -10.41
C LEU C 206 -10.05 35.76 -11.36
N SER C 207 -8.76 35.73 -11.69
CA SER C 207 -8.16 36.63 -12.66
C SER C 207 -8.45 36.15 -14.08
N PRO C 208 -8.44 37.05 -15.06
CA PRO C 208 -8.65 36.62 -16.45
C PRO C 208 -7.60 35.64 -16.96
N GLY C 209 -6.42 35.60 -16.36
CA GLY C 209 -5.40 34.65 -16.78
C GLY C 209 -4.25 34.62 -15.80
N ILE C 210 -3.36 33.63 -16.01
CA ILE C 210 -2.18 33.51 -15.18
C ILE C 210 -1.22 34.67 -15.39
N ASP C 211 -1.33 35.37 -16.52
CA ASP C 211 -0.49 36.54 -16.78
C ASP C 211 -0.88 37.75 -15.96
N HIS C 212 -1.98 37.67 -15.20
CA HIS C 212 -2.48 38.78 -14.38
C HIS C 212 -2.59 38.27 -12.95
N PRO C 213 -1.50 38.25 -12.20
CA PRO C 213 -1.57 37.76 -10.81
C PRO C 213 -2.54 38.52 -9.94
N GLY C 214 -2.69 39.83 -10.15
CA GLY C 214 -3.61 40.60 -9.36
C GLY C 214 -3.08 40.83 -7.94
N SER C 215 -4.01 41.23 -7.07
CA SER C 215 -3.68 41.50 -5.68
C SER C 215 -3.66 40.22 -4.85
N LEU C 216 -2.91 40.25 -3.76
CA LEU C 216 -2.83 39.13 -2.83
C LEU C 216 -4.03 39.16 -1.89
N LYS C 217 -4.88 38.14 -1.96
CA LYS C 217 -6.04 38.09 -1.09
C LYS C 217 -5.62 37.92 0.37
N TRP C 218 -5.86 38.96 1.16
CA TRP C 218 -5.42 38.95 2.57
C TRP C 218 -6.17 37.89 3.39
N ASP C 219 -7.46 37.71 3.13
CA ASP C 219 -8.22 36.70 3.87
C ASP C 219 -7.70 35.30 3.59
N LEU C 220 -7.42 34.99 2.32
CA LEU C 220 -6.88 33.67 1.99
C LEU C 220 -5.48 33.50 2.53
N ALA C 221 -4.68 34.57 2.54
CA ALA C 221 -3.36 34.50 3.14
C ALA C 221 -3.46 34.18 4.64
N LEU C 222 -4.41 34.81 5.33
CA LEU C 222 -4.61 34.52 6.74
C LEU C 222 -5.09 33.09 6.95
N CYS C 223 -5.95 32.59 6.06
CA CYS C 223 -6.38 31.21 6.15
C CYS C 223 -5.21 30.25 6.01
N LEU C 224 -4.34 30.49 5.03
CA LEU C 224 -3.14 29.67 4.87
C LEU C 224 -2.24 29.77 6.09
N LEU C 225 -2.08 30.97 6.63
CA LEU C 225 -1.26 31.15 7.83
C LEU C 225 -1.83 30.38 9.01
N LEU C 226 -3.15 30.42 9.19
CA LEU C 226 -3.78 29.66 10.28
C LEU C 226 -3.55 28.17 10.11
N VAL C 227 -3.76 27.65 8.90
CA VAL C 227 -3.58 26.22 8.68
C VAL C 227 -2.13 25.82 8.90
N TRP C 228 -1.19 26.64 8.41
CA TRP C 228 0.22 26.31 8.58
C TRP C 228 0.65 26.40 10.04
N LEU C 229 0.11 27.35 10.79
CA LEU C 229 0.40 27.41 12.22
C LEU C 229 -0.14 26.18 12.93
N VAL C 230 -1.35 25.74 12.57
CA VAL C 230 -1.88 24.51 13.16
C VAL C 230 -0.97 23.33 12.86
N CYS C 231 -0.52 23.22 11.61
CA CYS C 231 0.38 22.14 11.22
C CYS C 231 1.69 22.22 12.02
N PHE C 232 2.24 23.42 12.16
CA PHE C 232 3.50 23.60 12.88
C PHE C 232 3.36 23.17 14.33
N PHE C 233 2.32 23.63 15.01
CA PHE C 233 2.13 23.26 16.42
C PHE C 233 1.89 21.77 16.56
N CYS C 234 1.09 21.18 15.66
CA CYS C 234 0.80 19.75 15.75
C CYS C 234 2.06 18.93 15.57
N ILE C 235 2.89 19.29 14.58
CA ILE C 235 4.12 18.53 14.33
C ILE C 235 5.11 18.72 15.47
N TRP C 236 5.26 19.96 15.95
CA TRP C 236 6.21 20.23 17.03
C TRP C 236 5.82 19.49 18.30
N LYS C 237 4.54 19.49 18.65
CA LYS C 237 4.08 18.82 19.86
C LYS C 237 3.70 17.36 19.63
N GLY C 238 3.80 16.87 18.39
CA GLY C 238 3.42 15.50 18.11
C GLY C 238 1.96 15.19 18.36
N VAL C 239 1.08 16.12 17.99
CA VAL C 239 -0.35 15.94 18.23
C VAL C 239 -0.93 15.04 17.15
N ARG C 240 -1.60 13.97 17.57
CA ARG C 240 -2.21 13.03 16.65
C ARG C 240 -3.39 12.36 17.34
N SER C 241 -4.28 11.80 16.53
CA SER C 241 -5.48 11.14 17.05
C SER C 241 -5.11 9.73 17.51
N THR C 242 -4.91 9.57 18.81
CA THR C 242 -4.58 8.27 19.38
C THR C 242 -5.44 7.88 20.57
N GLY C 243 -6.05 8.83 21.27
CA GLY C 243 -6.91 8.54 22.41
C GLY C 243 -8.30 8.16 21.98
N LYS C 244 -9.28 8.55 22.80
CA LYS C 244 -10.68 8.31 22.45
C LYS C 244 -11.10 9.07 21.20
N VAL C 245 -10.35 10.12 20.84
CA VAL C 245 -10.74 10.99 19.73
C VAL C 245 -10.59 10.33 18.37
N VAL C 246 -9.83 9.23 18.28
CA VAL C 246 -9.60 8.60 16.98
C VAL C 246 -10.92 8.08 16.41
N TYR C 247 -11.80 7.59 17.28
CA TYR C 247 -13.11 7.12 16.83
C TYR C 247 -13.87 8.21 16.09
N PHE C 248 -13.98 9.39 16.70
CA PHE C 248 -14.67 10.50 16.04
C PHE C 248 -13.93 10.94 14.79
N THR C 249 -12.61 11.05 14.86
CA THR C 249 -11.85 11.54 13.71
C THR C 249 -12.01 10.62 12.51
N ALA C 250 -12.02 9.31 12.73
CA ALA C 250 -12.18 8.36 11.64
C ALA C 250 -13.62 8.27 11.16
N THR C 251 -14.59 8.29 12.07
CA THR C 251 -15.98 8.04 11.70
C THR C 251 -16.64 9.26 11.07
N PHE C 252 -16.28 10.47 11.51
CA PHE C 252 -16.97 11.67 11.03
C PHE C 252 -16.96 11.81 9.51
N PRO C 253 -15.85 11.60 8.80
CA PRO C 253 -15.91 11.73 7.32
C PRO C 253 -16.91 10.80 6.67
N PHE C 254 -17.04 9.55 7.13
CA PHE C 254 -17.94 8.63 6.46
C PHE C 254 -19.39 8.90 6.82
N ALA C 255 -19.66 9.37 8.04
CA ALA C 255 -21.01 9.81 8.36
C ALA C 255 -21.42 10.98 7.49
N MET C 256 -20.54 11.98 7.35
CA MET C 256 -20.86 13.13 6.52
C MET C 256 -20.99 12.74 5.05
N LEU C 257 -20.11 11.85 4.57
CA LEU C 257 -20.19 11.41 3.18
C LEU C 257 -21.46 10.62 2.92
N LEU C 258 -21.88 9.79 3.89
CA LEU C 258 -23.12 9.05 3.75
C LEU C 258 -24.31 9.99 3.67
N VAL C 259 -24.34 11.03 4.52
CA VAL C 259 -25.42 12.00 4.45
C VAL C 259 -25.40 12.73 3.10
N LEU C 260 -24.22 13.14 2.64
CA LEU C 260 -24.11 13.83 1.37
C LEU C 260 -24.57 12.95 0.22
N LEU C 261 -24.19 11.67 0.24
CA LEU C 261 -24.60 10.74 -0.80
C LEU C 261 -26.11 10.51 -0.79
N VAL C 262 -26.69 10.31 0.40
CA VAL C 262 -28.13 10.11 0.50
C VAL C 262 -28.87 11.33 -0.02
N ARG C 263 -28.38 12.53 0.32
CA ARG C 263 -28.97 13.74 -0.23
C ARG C 263 -28.82 13.79 -1.75
N GLY C 264 -27.67 13.35 -2.27
CA GLY C 264 -27.44 13.41 -3.69
C GLY C 264 -28.37 12.51 -4.49
N LEU C 265 -28.54 11.26 -4.03
CA LEU C 265 -29.35 10.33 -4.81
C LEU C 265 -30.83 10.70 -4.77
N THR C 266 -31.30 11.31 -3.68
CA THR C 266 -32.71 11.62 -3.53
C THR C 266 -33.14 12.87 -4.28
N LEU C 267 -32.20 13.55 -4.94
CA LEU C 267 -32.56 14.72 -5.73
C LEU C 267 -33.40 14.33 -6.93
N PRO C 268 -34.25 15.24 -7.42
CA PRO C 268 -35.14 14.89 -8.55
C PRO C 268 -34.43 14.74 -9.89
N GLY C 269 -33.12 14.88 -9.95
CA GLY C 269 -32.40 14.71 -11.20
C GLY C 269 -31.13 13.89 -11.06
N ALA C 270 -31.05 13.09 -10.00
CA ALA C 270 -29.85 12.30 -9.76
C ALA C 270 -29.64 11.20 -10.79
N GLY C 271 -30.73 10.73 -11.42
CA GLY C 271 -30.60 9.64 -12.37
C GLY C 271 -29.74 9.98 -13.56
N ALA C 272 -29.94 11.17 -14.13
CA ALA C 272 -29.13 11.60 -15.26
C ALA C 272 -27.67 11.74 -14.87
N GLY C 273 -27.40 12.29 -13.68
CA GLY C 273 -26.03 12.42 -13.23
C GLY C 273 -25.34 11.08 -13.05
N ILE C 274 -26.04 10.11 -12.48
CA ILE C 274 -25.47 8.77 -12.33
C ILE C 274 -25.22 8.14 -13.69
N LYS C 275 -26.17 8.30 -14.62
CA LYS C 275 -26.00 7.74 -15.96
C LYS C 275 -24.78 8.34 -16.65
N PHE C 276 -24.60 9.65 -16.55
CA PHE C 276 -23.41 10.28 -17.11
C PHE C 276 -22.15 9.83 -16.38
N TYR C 277 -22.27 9.52 -15.09
CA TYR C 277 -21.11 9.09 -14.32
C TYR C 277 -20.63 7.70 -14.75
N LEU C 278 -21.57 6.82 -15.10
CA LEU C 278 -21.21 5.43 -15.38
C LEU C 278 -21.15 5.08 -16.85
N TYR C 279 -21.88 5.72 -17.76
CA TYR C 279 -21.89 5.29 -19.15
C TYR C 279 -20.58 5.70 -19.84
N PRO C 280 -19.79 4.77 -20.39
CA PRO C 280 -18.56 5.11 -21.13
C PRO C 280 -18.82 6.00 -22.35
N ASP C 281 -17.74 6.59 -22.87
CA ASP C 281 -17.68 7.17 -24.20
C ASP C 281 -16.34 6.77 -24.82
N ILE C 282 -16.33 5.75 -25.67
CA ILE C 282 -15.10 5.14 -26.21
C ILE C 282 -14.30 6.13 -27.08
N THR C 283 -14.94 7.14 -27.68
CA THR C 283 -14.22 8.20 -28.36
C THR C 283 -13.32 9.03 -27.43
N ARG C 284 -13.56 9.04 -26.11
CA ARG C 284 -12.70 9.68 -25.13
C ARG C 284 -11.43 8.88 -24.83
N LEU C 285 -11.44 7.55 -24.99
CA LEU C 285 -10.27 6.69 -24.78
C LEU C 285 -9.20 6.83 -25.88
N GLU C 286 -9.53 7.47 -27.00
CA GLU C 286 -8.59 7.76 -28.09
C GLU C 286 -7.70 8.99 -27.81
N ASP C 287 -7.90 9.70 -26.70
CA ASP C 287 -7.08 10.84 -26.27
C ASP C 287 -6.20 10.49 -25.07
N PRO C 288 -4.90 10.80 -25.03
CA PRO C 288 -4.00 10.38 -23.96
C PRO C 288 -4.36 10.86 -22.56
N GLN C 289 -5.10 11.96 -22.44
CA GLN C 289 -5.38 12.64 -21.18
C GLN C 289 -6.17 11.76 -20.22
N VAL C 290 -7.18 11.03 -20.69
CA VAL C 290 -7.96 10.15 -19.80
C VAL C 290 -7.12 9.01 -19.23
N TRP C 291 -6.16 8.49 -20.00
CA TRP C 291 -5.23 7.45 -19.57
C TRP C 291 -4.23 7.96 -18.54
N ILE C 292 -3.58 9.11 -18.78
CA ILE C 292 -2.63 9.62 -17.78
C ILE C 292 -3.36 10.04 -16.51
N ASP C 293 -4.49 10.74 -16.65
CA ASP C 293 -5.20 11.20 -15.46
C ASP C 293 -5.69 10.02 -14.62
N ALA C 294 -6.27 9.01 -15.26
CA ALA C 294 -6.80 7.87 -14.51
C ALA C 294 -5.67 7.05 -13.88
N GLY C 295 -4.59 6.82 -14.62
CA GLY C 295 -3.48 6.05 -14.07
C GLY C 295 -2.77 6.76 -12.94
N THR C 296 -2.55 8.07 -13.09
CA THR C 296 -1.86 8.85 -12.07
C THR C 296 -2.73 9.10 -10.85
N GLN C 297 -4.06 9.10 -11.00
CA GLN C 297 -4.93 9.26 -9.84
C GLN C 297 -4.78 8.09 -8.89
N ILE C 298 -4.56 6.89 -9.42
CA ILE C 298 -4.32 5.72 -8.56
C ILE C 298 -3.07 5.93 -7.72
N PHE C 299 -1.99 6.40 -8.36
CA PHE C 299 -0.73 6.62 -7.63
C PHE C 299 -0.88 7.73 -6.60
N PHE C 300 -1.57 8.82 -6.97
CA PHE C 300 -1.71 9.95 -6.06
C PHE C 300 -2.58 9.60 -4.87
N SER C 301 -3.68 8.88 -5.10
CA SER C 301 -4.60 8.54 -4.01
C SER C 301 -3.93 7.65 -2.97
N TYR C 302 -3.13 6.69 -3.42
CA TYR C 302 -2.44 5.79 -2.50
C TYR C 302 -1.20 6.42 -1.88
N ALA C 303 -0.85 7.64 -2.29
CA ALA C 303 0.36 8.34 -1.83
C ALA C 303 1.62 7.56 -2.17
N ILE C 304 1.56 6.70 -3.19
CA ILE C 304 2.72 5.93 -3.62
C ILE C 304 3.53 6.79 -4.58
N CYS C 305 4.78 6.37 -4.80
CA CYS C 305 5.81 7.10 -5.53
C CYS C 305 6.27 8.35 -4.76
N LEU C 306 5.72 8.60 -3.57
CA LEU C 306 6.12 9.72 -2.73
C LEU C 306 7.18 9.34 -1.71
N GLY C 307 7.31 8.06 -1.39
CA GLY C 307 8.22 7.63 -0.34
C GLY C 307 7.63 7.66 1.05
N ALA C 308 6.41 8.16 1.21
CA ALA C 308 5.74 8.13 2.51
C ALA C 308 5.45 6.70 2.94
N MET C 309 5.04 5.86 2.00
CA MET C 309 4.73 4.47 2.33
C MET C 309 5.96 3.70 2.78
N THR C 310 7.12 4.01 2.18
CA THR C 310 8.36 3.35 2.60
C THR C 310 8.69 3.68 4.06
N SER C 311 8.52 4.94 4.45
CA SER C 311 8.75 5.31 5.85
C SER C 311 7.67 4.72 6.75
N LEU C 312 6.43 4.63 6.27
CA LEU C 312 5.35 4.07 7.07
C LEU C 312 5.60 2.59 7.36
N GLY C 313 6.15 1.87 6.39
CA GLY C 313 6.49 0.47 6.59
C GLY C 313 7.50 0.24 7.69
N SER C 314 8.32 1.24 8.01
CA SER C 314 9.27 1.15 9.11
C SER C 314 8.71 1.65 10.42
N TYR C 315 7.44 2.05 10.46
CA TYR C 315 6.80 2.56 11.67
C TYR C 315 5.49 1.84 11.92
N ASN C 316 5.49 0.51 11.78
CA ASN C 316 4.30 -0.30 11.98
C ASN C 316 4.66 -1.52 12.84
N LYS C 317 3.64 -2.07 13.48
CA LYS C 317 3.81 -3.25 14.31
C LYS C 317 4.19 -4.45 13.46
N TYR C 318 4.96 -5.36 14.06
CA TYR C 318 5.44 -6.54 13.36
C TYR C 318 4.39 -7.65 13.40
N HIS C 319 4.70 -8.74 12.69
CA HIS C 319 3.90 -9.96 12.63
C HIS C 319 2.55 -9.75 11.95
N ASN C 320 2.35 -8.64 11.26
CA ASN C 320 1.10 -8.41 10.54
C ASN C 320 1.18 -9.00 9.14
N ASN C 321 0.04 -9.49 8.66
CA ASN C 321 -0.04 -10.05 7.30
C ASN C 321 -0.05 -8.88 6.33
N VAL C 322 1.13 -8.58 5.80
CA VAL C 322 1.32 -7.38 4.99
C VAL C 322 0.46 -7.41 3.73
N TYR C 323 0.38 -8.58 3.07
CA TYR C 323 -0.35 -8.67 1.82
C TYR C 323 -1.82 -8.32 2.02
N ARG C 324 -2.46 -8.90 3.03
CA ARG C 324 -3.87 -8.64 3.29
C ARG C 324 -4.10 -7.17 3.64
N ASP C 325 -3.22 -6.59 4.44
CA ASP C 325 -3.36 -5.19 4.83
C ASP C 325 -3.29 -4.27 3.62
N CYS C 326 -2.34 -4.55 2.71
CA CYS C 326 -2.21 -3.72 1.51
C CYS C 326 -3.45 -3.80 0.63
N MET C 327 -3.97 -5.01 0.42
CA MET C 327 -5.19 -5.15 -0.39
C MET C 327 -6.37 -4.46 0.27
N LEU C 328 -6.49 -4.57 1.59
CA LEU C 328 -7.58 -3.89 2.28
C LEU C 328 -7.47 -2.38 2.11
N LEU C 329 -6.28 -1.83 2.34
CA LEU C 329 -6.06 -0.39 2.18
C LEU C 329 -6.43 0.07 0.78
N GLY C 330 -5.89 -0.60 -0.24
CA GLY C 330 -6.14 -0.17 -1.61
C GLY C 330 -7.60 -0.33 -2.01
N CYS C 331 -8.21 -1.47 -1.68
CA CYS C 331 -9.58 -1.73 -2.09
C CYS C 331 -10.54 -0.72 -1.46
N LEU C 332 -10.39 -0.43 -0.17
CA LEU C 332 -11.30 0.55 0.42
C LEU C 332 -10.98 1.97 -0.01
N ASN C 333 -9.70 2.29 -0.26
CA ASN C 333 -9.36 3.63 -0.74
C ASN C 333 -9.97 3.89 -2.10
N SER C 334 -9.95 2.90 -2.99
CA SER C 334 -10.59 3.07 -4.29
C SER C 334 -12.12 3.02 -4.18
N GLY C 335 -12.64 2.19 -3.28
CA GLY C 335 -14.08 2.09 -3.11
C GLY C 335 -14.70 3.38 -2.63
N THR C 336 -14.04 4.06 -1.67
CA THR C 336 -14.60 5.31 -1.17
C THR C 336 -14.61 6.38 -2.27
N SER C 337 -13.59 6.41 -3.13
CA SER C 337 -13.59 7.32 -4.27
C SER C 337 -14.75 7.03 -5.20
N PHE C 338 -14.91 5.76 -5.57
CA PHE C 338 -16.01 5.39 -6.47
C PHE C 338 -17.36 5.71 -5.86
N VAL C 339 -17.49 5.52 -4.54
CA VAL C 339 -18.75 5.77 -3.84
C VAL C 339 -19.06 7.27 -3.81
N SER C 340 -18.08 8.10 -3.43
CA SER C 340 -18.29 9.55 -3.41
C SER C 340 -18.53 10.12 -4.80
N GLY C 341 -18.07 9.41 -5.84
CA GLY C 341 -18.42 9.80 -7.19
C GLY C 341 -19.91 9.83 -7.44
N PHE C 342 -20.64 8.86 -6.87
CA PHE C 342 -22.10 8.87 -7.02
C PHE C 342 -22.71 10.13 -6.43
N ALA C 343 -22.25 10.54 -5.24
CA ALA C 343 -22.79 11.74 -4.61
C ALA C 343 -22.51 12.97 -5.46
N ILE C 344 -21.25 13.12 -5.89
CA ILE C 344 -20.87 14.30 -6.67
C ILE C 344 -21.67 14.36 -7.97
N PHE C 345 -21.75 13.24 -8.69
CA PHE C 345 -22.40 13.25 -9.99
C PHE C 345 -23.92 13.34 -9.87
N SER C 346 -24.50 12.82 -8.78
CA SER C 346 -25.92 13.01 -8.55
C SER C 346 -26.24 14.48 -8.29
N ILE C 347 -25.40 15.15 -7.50
CA ILE C 347 -25.58 16.60 -7.30
C ILE C 347 -25.48 17.33 -8.63
N LEU C 348 -24.48 16.97 -9.45
CA LEU C 348 -24.33 17.61 -10.75
C LEU C 348 -25.53 17.33 -11.65
N GLY C 349 -26.07 16.12 -11.60
CA GLY C 349 -27.24 15.80 -12.41
C GLY C 349 -28.47 16.59 -12.00
N PHE C 350 -28.68 16.74 -10.69
CA PHE C 350 -29.81 17.57 -10.25
C PHE C 350 -29.60 19.01 -10.67
N MET C 351 -28.35 19.50 -10.58
CA MET C 351 -28.04 20.84 -11.04
C MET C 351 -28.35 21.00 -12.52
N ALA C 352 -28.05 19.97 -13.32
CA ALA C 352 -28.37 20.00 -14.73
C ALA C 352 -29.87 20.06 -14.96
N GLN C 353 -30.64 19.25 -14.23
CA GLN C 353 -32.08 19.24 -14.41
C GLN C 353 -32.70 20.57 -14.00
N GLU C 354 -32.15 21.20 -12.95
CA GLU C 354 -32.71 22.46 -12.47
C GLU C 354 -32.32 23.62 -13.38
N GLN C 355 -31.06 23.69 -13.81
CA GLN C 355 -30.57 24.81 -14.60
C GLN C 355 -30.87 24.68 -16.09
N GLY C 356 -31.35 23.53 -16.53
CA GLY C 356 -31.66 23.33 -17.94
C GLY C 356 -30.45 23.36 -18.86
N VAL C 357 -29.33 22.80 -18.41
CA VAL C 357 -28.11 22.73 -19.22
C VAL C 357 -27.54 21.33 -19.13
N ASP C 358 -26.58 21.05 -19.99
CA ASP C 358 -25.97 19.73 -20.06
C ASP C 358 -25.20 19.41 -18.79
N ILE C 359 -25.11 18.11 -18.47
CA ILE C 359 -24.41 17.68 -17.28
C ILE C 359 -22.92 18.03 -17.37
N ALA C 360 -22.36 18.05 -18.58
CA ALA C 360 -20.94 18.33 -18.75
C ALA C 360 -20.60 19.80 -18.66
N ASP C 361 -21.59 20.69 -18.53
CA ASP C 361 -21.34 22.12 -18.47
C ASP C 361 -21.87 22.77 -17.20
N VAL C 362 -22.43 22.00 -16.27
CA VAL C 362 -23.07 22.61 -15.10
C VAL C 362 -22.05 23.31 -14.22
N ALA C 363 -20.92 22.66 -13.94
CA ALA C 363 -19.96 23.17 -12.98
C ALA C 363 -18.57 23.20 -13.59
N GLU C 364 -17.61 23.67 -12.81
CA GLU C 364 -16.24 23.83 -13.28
C GLU C 364 -15.58 22.47 -13.50
N SER C 365 -14.84 22.36 -14.60
CA SER C 365 -14.06 21.15 -14.89
C SER C 365 -12.63 21.35 -14.37
N GLY C 366 -12.53 21.44 -13.05
CA GLY C 366 -11.27 21.67 -12.40
C GLY C 366 -11.36 21.44 -10.90
N PRO C 367 -10.32 21.85 -10.17
CA PRO C 367 -10.29 21.61 -8.72
C PRO C 367 -11.45 22.25 -7.97
N GLY C 368 -12.14 23.22 -8.56
CA GLY C 368 -13.26 23.88 -7.91
C GLY C 368 -14.57 23.11 -7.91
N LEU C 369 -14.60 21.90 -8.48
CA LEU C 369 -15.82 21.11 -8.51
C LEU C 369 -16.30 20.77 -7.11
N ALA C 370 -15.39 20.40 -6.22
CA ALA C 370 -15.78 20.06 -4.86
C ALA C 370 -16.31 21.27 -4.11
N PHE C 371 -15.88 22.47 -4.48
CA PHE C 371 -16.34 23.70 -3.84
C PHE C 371 -17.55 24.29 -4.53
N ILE C 372 -18.10 23.60 -5.54
CA ILE C 372 -19.32 24.01 -6.22
C ILE C 372 -20.45 23.03 -5.99
N ALA C 373 -20.17 21.74 -6.05
CA ALA C 373 -21.21 20.73 -5.91
C ALA C 373 -21.65 20.56 -4.46
N TYR C 374 -20.69 20.35 -3.56
CA TYR C 374 -21.03 20.11 -2.15
C TYR C 374 -21.78 21.28 -1.51
N PRO C 375 -21.38 22.55 -1.68
CA PRO C 375 -22.20 23.63 -1.12
C PRO C 375 -23.62 23.64 -1.66
N LYS C 376 -23.80 23.30 -2.94
CA LYS C 376 -25.14 23.20 -3.48
C LYS C 376 -25.93 22.09 -2.79
N ALA C 377 -25.26 20.99 -2.44
CA ALA C 377 -25.91 19.92 -1.71
C ALA C 377 -26.32 20.37 -0.30
N VAL C 378 -25.40 21.01 0.43
CA VAL C 378 -25.71 21.43 1.79
C VAL C 378 -26.72 22.56 1.81
N THR C 379 -26.88 23.27 0.69
CA THR C 379 -27.88 24.33 0.61
C THR C 379 -29.30 23.79 0.66
N MET C 380 -29.50 22.51 0.33
CA MET C 380 -30.83 21.92 0.21
C MET C 380 -31.15 20.95 1.34
N MET C 381 -30.53 21.11 2.49
CA MET C 381 -30.81 20.29 3.66
C MET C 381 -31.44 21.14 4.76
N PRO C 382 -32.22 20.53 5.64
CA PRO C 382 -32.80 21.31 6.75
C PRO C 382 -31.72 21.98 7.59
N LEU C 383 -31.90 23.26 7.87
CA LEU C 383 -30.92 24.11 8.54
C LEU C 383 -29.59 24.01 7.79
N PRO C 384 -29.48 24.64 6.62
CA PRO C 384 -28.26 24.48 5.81
C PRO C 384 -26.98 24.89 6.50
N THR C 385 -27.03 25.89 7.38
CA THR C 385 -25.82 26.36 8.05
C THR C 385 -25.16 25.25 8.87
N PHE C 386 -25.97 24.46 9.58
CA PHE C 386 -25.45 23.39 10.41
C PHE C 386 -24.68 22.36 9.56
N TRP C 387 -25.28 21.94 8.43
CA TRP C 387 -24.61 20.94 7.61
C TRP C 387 -23.42 21.51 6.86
N SER C 388 -23.46 22.79 6.49
CA SER C 388 -22.28 23.41 5.90
C SER C 388 -21.12 23.43 6.89
N ILE C 389 -21.40 23.80 8.14
CA ILE C 389 -20.36 23.83 9.16
C ILE C 389 -19.80 22.43 9.37
N LEU C 390 -20.68 21.43 9.48
CA LEU C 390 -20.22 20.07 9.68
C LEU C 390 -19.37 19.59 8.51
N PHE C 391 -19.82 19.86 7.28
CA PHE C 391 -19.09 19.42 6.10
C PHE C 391 -17.70 20.03 6.05
N PHE C 392 -17.59 21.34 6.30
CA PHE C 392 -16.28 21.96 6.16
C PHE C 392 -15.35 21.64 7.32
N ILE C 393 -15.89 21.42 8.53
CA ILE C 393 -15.05 20.90 9.60
C ILE C 393 -14.54 19.51 9.26
N MET C 394 -15.42 18.67 8.67
CA MET C 394 -15.00 17.35 8.23
C MET C 394 -13.88 17.44 7.20
N LEU C 395 -14.04 18.33 6.21
CA LEU C 395 -13.03 18.47 5.17
C LEU C 395 -11.72 18.95 5.77
N LEU C 396 -11.78 19.89 6.71
CA LEU C 396 -10.57 20.42 7.33
C LEU C 396 -9.84 19.33 8.10
N LEU C 397 -10.56 18.55 8.89
CA LEU C 397 -9.91 17.45 9.63
C LEU C 397 -9.32 16.41 8.67
N LEU C 398 -10.09 16.05 7.64
CA LEU C 398 -9.66 15.01 6.72
C LEU C 398 -8.41 15.41 5.96
N GLY C 399 -8.29 16.69 5.60
CA GLY C 399 -7.10 17.15 4.95
C GLY C 399 -5.96 17.40 5.91
N LEU C 400 -6.28 17.81 7.14
CA LEU C 400 -5.25 18.11 8.12
C LEU C 400 -4.49 16.87 8.54
N ASP C 401 -5.18 15.74 8.70
CA ASP C 401 -4.47 14.52 9.07
C ASP C 401 -3.45 14.14 8.00
N SER C 402 -3.87 14.18 6.73
CA SER C 402 -2.95 13.86 5.64
C SER C 402 -1.80 14.87 5.57
N GLN C 403 -2.10 16.15 5.78
CA GLN C 403 -1.05 17.16 5.77
C GLN C 403 -0.04 16.91 6.88
N PHE C 404 -0.51 16.55 8.08
CA PHE C 404 0.40 16.21 9.17
C PHE C 404 1.27 15.03 8.78
N VAL C 405 0.67 14.01 8.18
CA VAL C 405 1.43 12.82 7.80
C VAL C 405 2.53 13.18 6.80
N GLU C 406 2.17 13.92 5.75
CA GLU C 406 3.14 14.24 4.71
C GLU C 406 4.24 15.17 5.23
N VAL C 407 3.87 16.16 6.06
CA VAL C 407 4.87 17.08 6.59
C VAL C 407 5.83 16.35 7.51
N GLU C 408 5.30 15.46 8.37
CA GLU C 408 6.18 14.67 9.24
C GLU C 408 7.10 13.78 8.42
N GLY C 409 6.58 13.15 7.36
CA GLY C 409 7.43 12.33 6.51
C GLY C 409 8.52 13.11 5.82
N GLN C 410 8.18 14.30 5.32
CA GLN C 410 9.18 15.15 4.69
C GLN C 410 10.26 15.57 5.68
N ILE C 411 9.85 15.93 6.90
CA ILE C 411 10.82 16.34 7.91
C ILE C 411 11.76 15.18 8.25
N THR C 412 11.18 13.98 8.45
CA THR C 412 12.00 12.83 8.77
C THR C 412 12.95 12.48 7.63
N SER C 413 12.48 12.57 6.38
CA SER C 413 13.34 12.27 5.25
C SER C 413 14.47 13.28 5.13
N LEU C 414 14.20 14.56 5.40
CA LEU C 414 15.22 15.58 5.25
C LEU C 414 16.26 15.51 6.37
N VAL C 415 15.81 15.29 7.61
CA VAL C 415 16.76 15.24 8.72
C VAL C 415 17.67 14.02 8.60
N ASP C 416 17.15 12.91 8.08
CA ASP C 416 17.98 11.72 7.88
C ASP C 416 19.08 11.95 6.84
N LEU C 417 18.90 12.91 5.94
CA LEU C 417 19.95 13.21 4.96
C LEU C 417 21.12 13.94 5.59
N TYR C 418 20.87 14.79 6.60
CA TYR C 418 21.93 15.52 7.30
C TYR C 418 21.69 15.46 8.80
N PRO C 419 21.81 14.28 9.41
CA PRO C 419 21.67 14.19 10.87
C PRO C 419 22.79 14.87 11.63
N SER C 420 23.92 15.13 10.97
CA SER C 420 25.07 15.73 11.66
C SER C 420 24.74 17.13 12.17
N PHE C 421 23.95 17.88 11.43
CA PHE C 421 23.59 19.25 11.81
C PHE C 421 22.10 19.42 12.08
N LEU C 422 21.24 18.92 11.20
CA LEU C 422 19.81 19.12 11.38
C LEU C 422 19.29 18.38 12.62
N ARG C 423 19.77 17.17 12.85
CA ARG C 423 19.31 16.34 13.96
C ARG C 423 20.29 16.32 15.12
N LYS C 424 21.27 17.23 15.15
CA LYS C 424 22.28 17.24 16.19
C LYS C 424 21.75 17.72 17.54
N GLY C 425 20.55 18.29 17.59
CA GLY C 425 20.01 18.80 18.83
C GLY C 425 18.61 19.36 18.70
N TYR C 426 18.36 20.51 19.34
CA TYR C 426 17.06 21.16 19.27
C TYR C 426 16.84 21.90 17.97
N ARG C 427 17.80 21.87 17.05
CA ARG C 427 17.65 22.54 15.75
C ARG C 427 16.54 21.92 14.92
N ARG C 428 16.04 20.75 15.29
CA ARG C 428 14.96 20.11 14.53
C ARG C 428 13.70 20.98 14.53
N GLU C 429 13.38 21.60 15.66
CA GLU C 429 12.22 22.49 15.71
C GLU C 429 12.42 23.69 14.80
N ILE C 430 13.62 24.27 14.78
CA ILE C 430 13.91 25.38 13.89
C ILE C 430 13.79 24.95 12.43
N PHE C 431 14.23 23.73 12.13
CA PHE C 431 14.10 23.21 10.77
C PHE C 431 12.64 23.05 10.39
N ILE C 432 11.80 22.57 11.33
CA ILE C 432 10.37 22.45 11.05
C ILE C 432 9.76 23.83 10.78
N ALA C 433 10.12 24.82 11.60
CA ALA C 433 9.63 26.18 11.39
C ALA C 433 10.09 26.73 10.05
N PHE C 434 11.34 26.46 9.67
CA PHE C 434 11.85 26.89 8.37
C PHE C 434 11.07 26.26 7.24
N VAL C 435 10.81 24.96 7.33
CA VAL C 435 10.07 24.26 6.28
C VAL C 435 8.67 24.84 6.15
N CYS C 436 7.99 25.04 7.29
CA CYS C 436 6.65 25.60 7.26
C CYS C 436 6.66 27.02 6.66
N SER C 437 7.64 27.83 7.04
CA SER C 437 7.70 29.21 6.55
C SER C 437 7.93 29.23 5.04
N ILE C 438 8.92 28.47 4.56
CA ILE C 438 9.20 28.45 3.12
C ILE C 438 8.00 27.93 2.35
N SER C 439 7.35 26.88 2.86
CA SER C 439 6.16 26.36 2.20
C SER C 439 5.05 27.40 2.17
N TYR C 440 4.89 28.17 3.25
CA TYR C 440 3.86 29.21 3.28
C TYR C 440 4.15 30.30 2.25
N LEU C 441 5.40 30.75 2.17
CA LEU C 441 5.77 31.75 1.18
C LEU C 441 5.56 31.23 -0.24
N LEU C 442 5.90 29.96 -0.48
CA LEU C 442 5.64 29.38 -1.80
C LEU C 442 4.15 29.30 -2.10
N GLY C 443 3.35 28.97 -1.09
CA GLY C 443 1.90 28.88 -1.26
C GLY C 443 1.22 30.22 -1.44
N LEU C 444 1.86 31.31 -1.03
CA LEU C 444 1.30 32.64 -1.29
C LEU C 444 1.04 32.87 -2.77
N THR C 445 1.82 32.23 -3.65
CA THR C 445 1.66 32.42 -5.08
C THR C 445 0.29 31.94 -5.57
N MET C 446 -0.30 30.95 -4.91
CA MET C 446 -1.60 30.42 -5.28
C MET C 446 -2.76 31.06 -4.52
N VAL C 447 -2.48 32.07 -3.71
CA VAL C 447 -3.53 32.81 -3.01
C VAL C 447 -3.98 34.05 -3.77
N THR C 448 -3.13 34.59 -4.65
CA THR C 448 -3.46 35.79 -5.41
C THR C 448 -4.69 35.55 -6.30
N GLU C 449 -5.17 36.64 -6.88
CA GLU C 449 -6.35 36.57 -7.75
C GLU C 449 -6.13 35.61 -8.91
N GLY C 450 -4.90 35.49 -9.41
CA GLY C 450 -4.57 34.54 -10.45
C GLY C 450 -3.99 33.25 -9.90
N GLY C 451 -4.21 33.01 -8.61
CA GLY C 451 -3.64 31.84 -7.97
C GLY C 451 -4.27 30.52 -8.40
N MET C 452 -5.49 30.57 -8.95
CA MET C 452 -6.14 29.34 -9.39
C MET C 452 -5.38 28.68 -10.52
N TYR C 453 -4.87 29.47 -11.47
CA TYR C 453 -4.10 28.91 -12.57
C TYR C 453 -2.81 28.26 -12.07
N VAL C 454 -2.14 28.90 -11.11
CA VAL C 454 -0.94 28.33 -10.53
C VAL C 454 -1.26 27.03 -9.80
N PHE C 455 -2.38 27.00 -9.08
CA PHE C 455 -2.79 25.79 -8.39
C PHE C 455 -3.07 24.66 -9.38
N GLN C 456 -3.76 24.98 -10.49
CA GLN C 456 -4.05 23.96 -11.49
C GLN C 456 -2.77 23.42 -12.11
N LEU C 457 -1.84 24.32 -12.44
CA LEU C 457 -0.56 23.88 -13.01
C LEU C 457 0.21 22.99 -12.03
N PHE C 458 0.24 23.40 -10.75
CA PHE C 458 0.95 22.62 -9.74
C PHE C 458 0.32 21.24 -9.60
N ASP C 459 -1.01 21.19 -9.50
CA ASP C 459 -1.69 19.91 -9.34
C ASP C 459 -1.45 19.01 -10.55
N TYR C 460 -1.44 19.58 -11.76
CA TYR C 460 -1.28 18.77 -12.95
C TYR C 460 0.14 18.24 -13.10
N TYR C 461 1.15 19.02 -12.71
CA TYR C 461 2.54 18.63 -13.01
C TYR C 461 3.39 18.30 -11.80
N ALA C 462 3.40 19.15 -10.77
CA ALA C 462 4.43 19.04 -9.72
C ALA C 462 4.35 17.71 -8.99
N ALA C 463 3.15 17.29 -8.57
CA ALA C 463 2.99 16.08 -7.78
C ALA C 463 2.03 15.11 -8.44
N SER C 464 1.88 15.20 -9.76
CA SER C 464 1.03 14.30 -10.51
C SER C 464 1.41 14.35 -11.98
N GLY C 465 0.94 13.37 -12.73
CA GLY C 465 1.17 13.33 -14.17
C GLY C 465 2.30 12.37 -14.53
N VAL C 466 3.22 12.83 -15.39
CA VAL C 466 4.28 11.97 -15.90
C VAL C 466 5.27 11.59 -14.80
N CYS C 467 5.45 12.44 -13.79
CA CYS C 467 6.45 12.17 -12.76
C CYS C 467 6.14 10.88 -11.99
N LEU C 468 4.87 10.69 -11.63
CA LEU C 468 4.50 9.47 -10.91
C LEU C 468 4.70 8.23 -11.79
N LEU C 469 4.39 8.34 -13.09
CA LEU C 469 4.64 7.22 -14.00
C LEU C 469 6.13 6.92 -14.09
N TRP C 470 6.95 7.96 -14.17
CA TRP C 470 8.41 7.81 -14.18
C TRP C 470 8.90 7.06 -12.95
N VAL C 471 8.45 7.51 -11.77
CA VAL C 471 8.93 6.92 -10.53
C VAL C 471 8.46 5.47 -10.40
N ALA C 472 7.18 5.21 -10.71
CA ALA C 472 6.67 3.84 -10.63
C ALA C 472 7.39 2.93 -11.60
N PHE C 473 7.62 3.40 -12.83
CA PHE C 473 8.30 2.58 -13.83
C PHE C 473 9.71 2.26 -13.38
N PHE C 474 10.45 3.24 -12.87
CA PHE C 474 11.81 2.94 -12.42
C PHE C 474 11.81 2.02 -11.21
N GLU C 475 10.86 2.20 -10.28
CA GLU C 475 10.79 1.29 -9.14
C GLU C 475 10.57 -0.14 -9.60
N CYS C 476 9.56 -0.36 -10.44
CA CYS C 476 9.20 -1.72 -10.84
C CYS C 476 10.28 -2.32 -11.74
N PHE C 477 10.82 -1.53 -12.66
CA PHE C 477 11.90 -2.01 -13.52
C PHE C 477 13.11 -2.41 -12.69
N VAL C 478 13.51 -1.56 -11.74
CA VAL C 478 14.67 -1.89 -10.91
C VAL C 478 14.44 -3.21 -10.19
N ILE C 479 13.32 -3.31 -9.46
CA ILE C 479 13.11 -4.50 -8.63
C ILE C 479 12.96 -5.75 -9.50
N ALA C 480 12.22 -5.66 -10.60
CA ALA C 480 11.96 -6.84 -11.41
C ALA C 480 13.21 -7.30 -12.15
N TRP C 481 13.97 -6.37 -12.72
CA TRP C 481 15.03 -6.73 -13.67
C TRP C 481 16.43 -6.53 -13.14
N ILE C 482 16.73 -5.39 -12.51
CA ILE C 482 18.09 -5.11 -12.07
C ILE C 482 18.39 -5.87 -10.78
N TYR C 483 17.60 -5.60 -9.74
CA TYR C 483 17.73 -6.36 -8.50
C TYR C 483 17.36 -7.82 -8.70
N GLY C 484 16.26 -8.08 -9.42
CA GLY C 484 15.80 -9.43 -9.64
C GLY C 484 14.49 -9.76 -8.98
N GLY C 485 13.51 -10.17 -9.79
CA GLY C 485 12.22 -10.57 -9.24
C GLY C 485 12.32 -11.79 -8.34
N ASN C 486 13.20 -12.74 -8.70
CA ASN C 486 13.40 -13.90 -7.86
C ASN C 486 13.98 -13.51 -6.49
N ARG C 487 14.96 -12.61 -6.49
CA ARG C 487 15.52 -12.13 -5.22
C ARG C 487 14.47 -11.38 -4.40
N PHE C 488 13.66 -10.56 -5.05
CA PHE C 488 12.62 -9.84 -4.32
C PHE C 488 11.59 -10.80 -3.72
N SER C 489 11.20 -11.82 -4.48
CA SER C 489 10.26 -12.81 -3.96
C SER C 489 10.88 -13.60 -2.81
N GLU C 490 12.17 -13.91 -2.91
CA GLU C 490 12.87 -14.58 -1.81
C GLU C 490 12.88 -13.70 -0.56
N ASP C 491 13.13 -12.40 -0.74
CA ASP C 491 13.09 -11.47 0.39
C ASP C 491 11.70 -11.44 1.02
N ILE C 492 10.66 -11.40 0.18
CA ILE C 492 9.29 -11.37 0.69
C ILE C 492 8.95 -12.67 1.40
N ARG C 493 9.46 -13.79 0.90
CA ARG C 493 9.30 -15.07 1.59
C ARG C 493 9.92 -14.99 2.98
N ASP C 494 11.16 -14.49 3.06
CA ASP C 494 11.82 -14.37 4.35
C ASP C 494 11.06 -13.44 5.29
N MET C 495 10.42 -12.41 4.75
CA MET C 495 9.75 -11.42 5.60
C MET C 495 8.38 -11.91 6.07
N ILE C 496 7.47 -12.15 5.11
CA ILE C 496 6.08 -12.43 5.45
C ILE C 496 5.71 -13.92 5.36
N GLY C 497 6.58 -14.75 4.80
CA GLY C 497 6.41 -16.19 4.82
C GLY C 497 5.92 -16.80 3.52
N PHE C 498 5.35 -16.02 2.62
CA PHE C 498 4.86 -16.55 1.35
C PHE C 498 5.24 -15.61 0.21
N PRO C 499 5.44 -16.15 -0.99
CA PRO C 499 5.89 -15.32 -2.11
C PRO C 499 4.78 -14.43 -2.64
N PRO C 500 5.12 -13.41 -3.42
CA PRO C 500 4.07 -12.51 -3.94
C PRO C 500 3.02 -13.21 -4.77
N GLY C 501 3.40 -14.24 -5.52
CA GLY C 501 2.50 -14.92 -6.41
C GLY C 501 2.64 -14.43 -7.84
N PRO C 502 2.01 -15.14 -8.78
CA PRO C 502 2.14 -14.76 -10.19
C PRO C 502 1.62 -13.36 -10.49
N TRP C 503 0.55 -12.93 -9.83
CA TRP C 503 -0.06 -11.64 -10.13
C TRP C 503 0.94 -10.51 -9.89
N MET C 504 1.53 -10.46 -8.69
CA MET C 504 2.43 -9.37 -8.36
C MET C 504 3.72 -9.43 -9.17
N LYS C 505 4.29 -10.63 -9.31
CA LYS C 505 5.54 -10.78 -10.04
C LYS C 505 5.38 -10.34 -11.50
N TYR C 506 4.35 -10.86 -12.17
CA TYR C 506 4.12 -10.48 -13.57
C TYR C 506 3.70 -9.03 -13.69
N SER C 507 2.96 -8.49 -12.72
CA SER C 507 2.64 -7.08 -12.75
C SER C 507 3.90 -6.25 -12.75
N TRP C 508 4.78 -6.48 -11.76
CA TRP C 508 6.02 -5.72 -11.66
C TRP C 508 6.91 -5.91 -12.87
N ALA C 509 6.97 -7.13 -13.41
CA ALA C 509 7.90 -7.42 -14.49
C ALA C 509 7.42 -6.83 -15.82
N VAL C 510 6.12 -6.88 -16.11
CA VAL C 510 5.62 -6.51 -17.42
C VAL C 510 4.60 -5.38 -17.31
N ILE C 511 3.55 -5.60 -16.52
CA ILE C 511 2.32 -4.82 -16.67
C ILE C 511 2.54 -3.36 -16.31
N THR C 512 3.13 -3.12 -15.14
CA THR C 512 3.37 -1.73 -14.73
C THR C 512 4.36 -1.02 -15.65
N PRO C 513 5.52 -1.58 -15.99
CA PRO C 513 6.40 -0.89 -16.95
C PRO C 513 5.75 -0.66 -18.29
N VAL C 514 5.02 -1.65 -18.82
CA VAL C 514 4.36 -1.49 -20.11
C VAL C 514 3.30 -0.41 -20.03
N LEU C 515 2.50 -0.41 -18.97
CA LEU C 515 1.46 0.60 -18.83
C LEU C 515 2.05 2.01 -18.73
N CYS C 516 3.09 2.17 -17.91
CA CYS C 516 3.69 3.49 -17.74
C CYS C 516 4.34 3.99 -19.02
N VAL C 517 5.11 3.13 -19.68
CA VAL C 517 5.78 3.53 -20.92
C VAL C 517 4.76 3.81 -22.02
N GLY C 518 3.72 2.97 -22.12
CA GLY C 518 2.68 3.21 -23.11
C GLY C 518 1.97 4.52 -22.90
N CYS C 519 1.62 4.83 -21.65
CA CYS C 519 0.97 6.11 -21.35
C CYS C 519 1.89 7.28 -21.68
N PHE C 520 3.17 7.19 -21.31
CA PHE C 520 4.09 8.29 -21.57
C PHE C 520 4.25 8.52 -23.07
N ILE C 521 4.44 7.44 -23.84
CA ILE C 521 4.62 7.56 -25.28
C ILE C 521 3.34 8.04 -25.95
N PHE C 522 2.18 7.53 -25.50
CA PHE C 522 0.91 7.94 -26.08
C PHE C 522 0.69 9.43 -25.83
N SER C 523 1.03 9.91 -24.63
CA SER C 523 0.93 11.35 -24.34
C SER C 523 1.86 12.15 -25.23
N LEU C 524 3.10 11.69 -25.41
CA LEU C 524 4.04 12.45 -26.23
C LEU C 524 3.60 12.49 -27.69
N VAL C 525 3.11 11.37 -28.21
CA VAL C 525 2.69 11.30 -29.61
C VAL C 525 1.46 12.16 -29.86
N LYS C 526 0.47 12.08 -28.97
CA LYS C 526 -0.80 12.77 -29.13
C LYS C 526 -0.91 13.93 -28.13
N TYR C 527 0.16 14.69 -27.97
CA TYR C 527 0.23 15.73 -26.96
C TYR C 527 -0.83 16.79 -27.16
N VAL C 528 -1.50 17.15 -26.08
CA VAL C 528 -2.42 18.28 -26.04
C VAL C 528 -2.05 19.14 -24.83
N PRO C 529 -2.07 20.46 -24.95
CA PRO C 529 -1.66 21.30 -23.82
C PRO C 529 -2.69 21.30 -22.70
N LEU C 530 -2.21 21.60 -21.50
CA LEU C 530 -3.10 21.73 -20.35
C LEU C 530 -3.95 22.98 -20.46
N THR C 531 -5.20 22.88 -20.03
CA THR C 531 -6.14 23.99 -20.09
C THR C 531 -6.90 24.08 -18.77
N TYR C 532 -6.99 25.29 -18.22
CA TYR C 532 -7.81 25.50 -17.04
C TYR C 532 -9.28 25.46 -17.42
N ASN C 533 -10.07 24.76 -16.60
CA ASN C 533 -11.49 24.48 -16.91
C ASN C 533 -11.50 23.76 -18.25
N LYS C 534 -12.22 24.26 -19.26
CA LYS C 534 -12.13 23.68 -20.59
C LYS C 534 -12.12 24.76 -21.69
N THR C 535 -11.84 26.02 -21.33
CA THR C 535 -11.81 27.10 -22.30
C THR C 535 -10.57 27.98 -22.22
N TYR C 536 -9.87 28.03 -21.09
CA TYR C 536 -8.70 28.87 -20.94
C TYR C 536 -7.45 28.11 -21.39
N VAL C 537 -6.69 28.71 -22.28
CA VAL C 537 -5.47 28.11 -22.82
C VAL C 537 -4.28 28.73 -22.10
N TYR C 538 -3.44 27.89 -21.51
CA TYR C 538 -2.26 28.38 -20.81
C TYR C 538 -1.23 28.92 -21.80
N PRO C 539 -0.48 29.94 -21.42
CA PRO C 539 0.62 30.41 -22.27
C PRO C 539 1.77 29.41 -22.28
N ASN C 540 2.65 29.59 -23.27
CA ASN C 540 3.77 28.66 -23.45
C ASN C 540 4.68 28.65 -22.23
N TRP C 541 4.94 29.82 -21.64
CA TRP C 541 5.82 29.89 -20.49
C TRP C 541 5.22 29.18 -19.27
N ALA C 542 3.90 29.24 -19.12
CA ALA C 542 3.27 28.49 -18.04
C ALA C 542 3.43 26.99 -18.23
N ILE C 543 3.28 26.52 -19.47
CA ILE C 543 3.50 25.11 -19.77
C ILE C 543 4.95 24.73 -19.49
N GLY C 544 5.89 25.60 -19.86
CA GLY C 544 7.29 25.35 -19.54
C GLY C 544 7.54 25.29 -18.05
N LEU C 545 6.88 26.15 -17.28
CA LEU C 545 7.04 26.12 -15.83
C LEU C 545 6.47 24.82 -15.24
N GLY C 546 5.33 24.38 -15.73
CA GLY C 546 4.78 23.10 -15.28
C GLY C 546 5.70 21.94 -15.60
N TRP C 547 6.23 21.92 -16.83
CA TRP C 547 7.19 20.89 -17.20
C TRP C 547 8.46 20.98 -16.37
N SER C 548 8.85 22.20 -15.97
CA SER C 548 9.97 22.34 -15.04
C SER C 548 9.66 21.73 -13.70
N LEU C 549 8.43 21.93 -13.21
CA LEU C 549 8.03 21.31 -11.95
C LEU C 549 8.09 19.78 -12.04
N ALA C 550 7.59 19.22 -13.14
CA ALA C 550 7.65 17.78 -13.32
C ALA C 550 9.09 17.28 -13.47
N LEU C 551 9.92 18.01 -14.22
CA LEU C 551 11.30 17.61 -14.42
C LEU C 551 12.12 17.75 -13.14
N SER C 552 11.73 18.62 -12.22
CA SER C 552 12.44 18.71 -10.93
C SER C 552 12.44 17.38 -10.21
N SER C 553 11.42 16.56 -10.43
CA SER C 553 11.37 15.21 -9.87
C SER C 553 11.90 14.17 -10.85
N MET C 554 11.61 14.32 -12.14
CA MET C 554 12.04 13.30 -13.11
C MET C 554 13.56 13.25 -13.24
N LEU C 555 14.22 14.41 -13.22
CA LEU C 555 15.66 14.50 -13.45
C LEU C 555 16.49 13.95 -12.30
N CYS C 556 15.87 13.66 -11.15
CA CYS C 556 16.63 13.22 -9.99
C CYS C 556 17.37 11.91 -10.27
N VAL C 557 16.71 10.97 -10.93
CA VAL C 557 17.35 9.67 -11.19
C VAL C 557 18.57 9.79 -12.09
N PRO C 558 18.50 10.42 -13.29
CA PRO C 558 19.72 10.53 -14.09
C PRO C 558 20.83 11.33 -13.42
N LEU C 559 20.48 12.40 -12.70
CA LEU C 559 21.49 13.18 -12.02
C LEU C 559 22.20 12.37 -10.94
N VAL C 560 21.44 11.63 -10.13
CA VAL C 560 22.07 10.80 -9.13
C VAL C 560 22.89 9.70 -9.78
N ILE C 561 22.42 9.15 -10.89
CA ILE C 561 23.16 8.09 -11.59
C ILE C 561 24.51 8.62 -12.04
N VAL C 562 24.53 9.77 -12.72
CA VAL C 562 25.79 10.30 -13.23
C VAL C 562 26.69 10.74 -12.08
N ILE C 563 26.12 11.30 -11.01
CA ILE C 563 26.91 11.72 -9.87
C ILE C 563 27.59 10.53 -9.22
N ARG C 564 26.86 9.44 -9.03
CA ARG C 564 27.45 8.25 -8.40
C ARG C 564 28.45 7.57 -9.33
N LEU C 565 28.20 7.61 -10.64
CA LEU C 565 29.18 7.09 -11.59
C LEU C 565 30.48 7.88 -11.53
N CYS C 566 30.39 9.21 -11.43
CA CYS C 566 31.59 10.04 -11.37
C CYS C 566 32.28 9.94 -10.01
N GLN C 567 31.52 9.70 -8.94
CA GLN C 567 32.05 9.65 -7.59
C GLN C 567 32.51 8.26 -7.19
N THR C 568 32.71 7.37 -8.15
CA THR C 568 33.16 6.01 -7.88
C THR C 568 34.48 5.76 -8.60
N GLU C 569 35.40 5.09 -7.93
CA GLU C 569 36.71 4.81 -8.50
C GLU C 569 36.66 3.55 -9.36
N GLY C 570 37.69 3.39 -10.19
CA GLY C 570 37.82 2.23 -11.04
C GLY C 570 37.29 2.47 -12.45
N PRO C 571 37.49 1.49 -13.32
CA PRO C 571 36.97 1.60 -14.69
C PRO C 571 35.45 1.73 -14.71
N PHE C 572 34.93 2.12 -15.88
CA PHE C 572 33.50 2.36 -16.02
C PHE C 572 32.69 1.12 -15.72
N LEU C 573 33.10 -0.04 -16.26
CA LEU C 573 32.42 -1.28 -15.96
C LEU C 573 32.53 -1.63 -14.48
N VAL C 574 33.69 -1.41 -13.89
CA VAL C 574 33.87 -1.67 -12.46
C VAL C 574 32.98 -0.73 -11.65
N ARG C 575 32.90 0.54 -12.06
CA ARG C 575 32.04 1.51 -11.39
C ARG C 575 30.59 1.03 -11.40
N VAL C 576 30.10 0.66 -12.59
CA VAL C 576 28.72 0.25 -12.73
C VAL C 576 28.44 -1.03 -11.96
N LYS C 577 29.37 -1.99 -12.00
CA LYS C 577 29.19 -3.22 -11.23
C LYS C 577 29.15 -2.94 -9.74
N TYR C 578 30.02 -2.06 -9.25
CA TYR C 578 30.06 -1.75 -7.83
C TYR C 578 28.78 -1.04 -7.39
N LEU C 579 28.19 -0.24 -8.27
CA LEU C 579 26.96 0.46 -7.89
C LEU C 579 25.69 -0.32 -8.16
N LEU C 580 25.74 -1.37 -8.99
CA LEU C 580 24.57 -2.22 -9.19
C LEU C 580 24.41 -3.24 -8.06
N THR C 581 25.52 -3.75 -7.54
CA THR C 581 25.44 -4.79 -6.52
C THR C 581 24.88 -4.20 -5.23
N PRO C 582 23.83 -4.80 -4.67
CA PRO C 582 23.24 -4.26 -3.45
C PRO C 582 24.20 -4.38 -2.28
N ARG C 583 24.08 -3.43 -1.35
CA ARG C 583 24.93 -3.42 -0.17
C ARG C 583 24.51 -4.54 0.79
N GLU C 584 25.39 -4.86 1.73
CA GLU C 584 25.15 -5.91 2.70
C GLU C 584 23.98 -5.55 3.62
#